data_7CJY
#
_entry.id   7CJY
#
_cell.length_a   232.530
_cell.length_b   60.090
_cell.length_c   106.220
_cell.angle_alpha   90.000
_cell.angle_beta   111.875
_cell.angle_gamma   90.000
#
_symmetry.space_group_name_H-M   'C 1 2 1'
#
loop_
_entity.id
_entity.type
_entity.pdbx_description
1 polymer '(-)-drimenol synthase'
2 water water
#
_entity_poly.entity_id   1
_entity_poly.type   'polypeptide(L)'
_entity_poly.pdbx_seq_one_letter_code
;GIASFHPSPWGDYFLKYVPCDQVTQAKMEDEVKKVEEDVKKELRKLAKAVGKPLELLNFIDVVERLGVGYRLEQEIEDLV
QAIFDNDKFGVDEFDLYHTSLWFRLLRQHGFHVSCDVFGKFKGRNGRFKDSLASDVKGILGLYEASHVRTHGDDTLDEAL
VFTTTHLKAVVTNQPNHPLVPQVTHALMQPYHKGMPRLESRHFIAFYEKDPYHDKTLLKFGKLDFNLVQALHKKELKDLS
RWWKDLDMHAKMPFPSRDRVPEGYFWTLGPFYEPQFALCRKFFLQVFKVTSIVDDIYDAYGTIDELTAFTKAAERWDRSC
LDELPEYMKVSYASLIDTFEEFERDLAPQGRSWSVKYAREEMIQMCRVYYQEAKWCHEKYSPTCDEYLEKASIVSFGYNL
GTVVCFLGMGDVATKEAFEWARGNPKVVRAAGIIGRLMDDIGSHHFEQGRDHVPSAVECYIRQHGVDEVTAQRELGKRVE
SSWKDINEMMLKPYMMPKPLLTRILNECRIVDVIYKGEDSYTFSNTTMKKNISHILTDPIPI
;
_entity_poly.pdbx_strand_id   A,B
#
# COMPACT_ATOMS: atom_id res chain seq x y z
N GLY A 1 -7.71 -15.25 -2.84
CA GLY A 1 -7.30 -15.81 -1.56
C GLY A 1 -5.80 -15.88 -1.40
N ILE A 2 -5.28 -17.03 -0.99
CA ILE A 2 -3.83 -17.18 -0.88
C ILE A 2 -3.22 -17.13 -2.27
N ALA A 3 -2.11 -16.41 -2.39
CA ALA A 3 -1.39 -16.17 -3.64
C ALA A 3 -2.17 -15.27 -4.61
N SER A 4 -3.20 -14.57 -4.12
CA SER A 4 -4.01 -13.68 -4.93
C SER A 4 -3.36 -12.29 -4.96
N PHE A 5 -2.81 -11.93 -6.11
CA PHE A 5 -2.19 -10.63 -6.32
C PHE A 5 -2.99 -9.77 -7.30
N HIS A 6 -4.32 -9.79 -7.19
CA HIS A 6 -5.20 -9.03 -8.09
C HIS A 6 -6.03 -8.03 -7.31
N PRO A 7 -5.41 -6.99 -6.74
CA PRO A 7 -6.19 -5.97 -6.02
C PRO A 7 -7.11 -5.21 -6.96
N SER A 8 -8.38 -5.12 -6.58
CA SER A 8 -9.36 -4.30 -7.30
C SER A 8 -10.10 -3.43 -6.29
N PRO A 9 -9.42 -2.42 -5.73
CA PRO A 9 -10.09 -1.58 -4.70
C PRO A 9 -11.36 -0.90 -5.19
N TRP A 10 -11.46 -0.60 -6.49
CA TRP A 10 -12.58 0.18 -6.99
C TRP A 10 -13.62 -0.61 -7.78
N GLY A 11 -13.26 -1.77 -8.32
CA GLY A 11 -14.23 -2.56 -9.08
C GLY A 11 -14.89 -1.75 -10.18
N ASP A 12 -16.22 -1.88 -10.31
CA ASP A 12 -16.97 -1.22 -11.35
C ASP A 12 -17.64 0.07 -10.89
N TYR A 13 -17.16 0.65 -9.78
CA TYR A 13 -17.79 1.83 -9.20
C TYR A 13 -17.89 2.98 -10.19
N PHE A 14 -16.80 3.25 -10.90
CA PHE A 14 -16.78 4.37 -11.84
C PHE A 14 -17.49 4.04 -13.14
N LEU A 15 -17.52 2.75 -13.53
CA LEU A 15 -18.27 2.34 -14.71
C LEU A 15 -19.76 2.46 -14.50
N LYS A 16 -20.21 2.33 -13.25
CA LYS A 16 -21.63 2.32 -12.91
C LYS A 16 -22.17 3.72 -12.60
N TYR A 17 -21.36 4.76 -12.79
CA TYR A 17 -21.87 6.11 -12.57
C TYR A 17 -23.03 6.39 -13.51
N VAL A 18 -24.09 6.98 -12.96
CA VAL A 18 -25.24 7.42 -13.75
C VAL A 18 -25.29 8.95 -13.65
N PRO A 19 -25.02 9.67 -14.73
CA PRO A 19 -25.12 11.12 -14.68
C PRO A 19 -26.58 11.53 -14.51
N CYS A 20 -26.78 12.74 -14.00
CA CYS A 20 -28.13 13.27 -13.93
C CYS A 20 -28.56 13.75 -15.32
N ASP A 21 -29.88 13.90 -15.50
CA ASP A 21 -30.43 14.29 -16.79
C ASP A 21 -30.16 15.78 -17.07
N GLN A 22 -30.32 16.12 -18.35
CA GLN A 22 -29.96 17.44 -18.92
C GLN A 22 -30.70 18.59 -18.24
N VAL A 23 -31.96 18.43 -17.93
CA VAL A 23 -32.71 19.51 -17.27
C VAL A 23 -32.09 19.83 -15.92
N THR A 24 -31.78 18.79 -15.15
CA THR A 24 -31.14 18.95 -13.85
C THR A 24 -29.76 19.56 -13.98
N GLN A 25 -28.96 19.05 -14.91
CA GLN A 25 -27.60 19.53 -15.09
C GLN A 25 -27.59 21.01 -15.45
N ALA A 26 -28.54 21.44 -16.29
CA ALA A 26 -28.64 22.85 -16.66
C ALA A 26 -29.16 23.69 -15.49
N LYS A 27 -30.03 23.13 -14.64
CA LYS A 27 -30.47 23.84 -13.45
C LYS A 27 -29.28 24.14 -12.53
N MET A 28 -28.46 23.12 -12.27
CA MET A 28 -27.29 23.29 -11.40
C MET A 28 -26.27 24.25 -12.02
N GLU A 29 -26.13 24.19 -13.35
CA GLU A 29 -25.26 25.13 -14.05
C GLU A 29 -25.71 26.57 -13.81
N ASP A 30 -27.01 26.83 -13.95
CA ASP A 30 -27.46 28.20 -13.78
C ASP A 30 -27.36 28.65 -12.32
N GLU A 31 -27.61 27.75 -11.37
CA GLU A 31 -27.43 28.09 -9.96
C GLU A 31 -26.00 28.57 -9.71
N VAL A 32 -25.02 27.79 -10.18
CA VAL A 32 -23.63 28.19 -9.92
C VAL A 32 -23.28 29.49 -10.65
N LYS A 33 -23.85 29.73 -11.85
CA LYS A 33 -23.62 31.00 -12.53
C LYS A 33 -24.22 32.19 -11.75
N LYS A 34 -25.40 31.99 -11.16
CA LYS A 34 -26.00 33.05 -10.36
C LYS A 34 -25.05 33.41 -9.21
N VAL A 35 -24.54 32.41 -8.50
CA VAL A 35 -23.65 32.76 -7.38
C VAL A 35 -22.32 33.32 -7.89
N GLU A 36 -21.88 32.93 -9.10
CA GLU A 36 -20.66 33.53 -9.67
C GLU A 36 -20.85 35.02 -9.89
N GLU A 37 -21.98 35.41 -10.46
CA GLU A 37 -22.23 36.82 -10.68
C GLU A 37 -22.32 37.58 -9.35
N ASP A 38 -22.89 36.94 -8.33
CA ASP A 38 -22.89 37.53 -6.99
C ASP A 38 -21.46 37.80 -6.50
N VAL A 39 -20.60 36.78 -6.60
CA VAL A 39 -19.20 36.92 -6.19
C VAL A 39 -18.53 38.06 -6.94
N LYS A 40 -18.73 38.11 -8.27
CA LYS A 40 -18.11 39.15 -9.09
C LYS A 40 -18.58 40.55 -8.68
N LYS A 41 -19.88 40.70 -8.37
CA LYS A 41 -20.38 41.98 -7.89
C LYS A 41 -19.71 42.41 -6.59
N GLU A 42 -19.62 41.49 -5.62
CA GLU A 42 -18.94 41.81 -4.38
C GLU A 42 -17.47 42.17 -4.61
N LEU A 43 -16.83 41.48 -5.56
CA LEU A 43 -15.44 41.76 -5.88
C LEU A 43 -15.28 43.17 -6.44
N ARG A 44 -16.17 43.56 -7.35
CA ARG A 44 -16.19 44.94 -7.85
C ARG A 44 -16.35 45.93 -6.70
N LYS A 45 -17.23 45.61 -5.75
CA LYS A 45 -17.42 46.47 -4.59
C LYS A 45 -16.10 46.67 -3.82
N LEU A 46 -15.39 45.57 -3.57
CA LEU A 46 -14.13 45.68 -2.82
C LEU A 46 -13.06 46.42 -3.61
N ALA A 47 -13.11 46.37 -4.94
CA ALA A 47 -12.07 47.00 -5.75
C ALA A 47 -12.16 48.53 -5.69
N LYS A 48 -13.37 49.09 -5.75
CA LYS A 48 -13.52 50.54 -5.70
C LYS A 48 -13.51 51.10 -4.30
N ALA A 49 -13.67 50.27 -3.27
CA ALA A 49 -13.56 50.72 -1.88
C ALA A 49 -12.23 51.44 -1.66
N VAL A 50 -12.27 52.54 -0.90
CA VAL A 50 -11.15 53.47 -0.80
C VAL A 50 -9.96 52.91 -0.04
N GLY A 51 -10.14 52.61 1.24
CA GLY A 51 -9.06 51.97 1.94
C GLY A 51 -9.16 50.49 1.68
N LYS A 52 -9.19 49.71 2.74
CA LYS A 52 -9.54 48.30 2.70
C LYS A 52 -8.63 47.41 1.86
N PRO A 53 -7.29 47.46 2.01
CA PRO A 53 -6.46 46.51 1.26
C PRO A 53 -6.66 45.06 1.69
N LEU A 54 -6.71 44.81 2.99
CA LEU A 54 -6.72 43.44 3.51
C LEU A 54 -7.99 42.69 3.10
N GLU A 55 -9.13 43.39 3.03
CA GLU A 55 -10.35 42.71 2.64
C GLU A 55 -10.27 42.19 1.21
N LEU A 56 -9.67 42.98 0.29
CA LEU A 56 -9.54 42.55 -1.09
C LEU A 56 -8.51 41.44 -1.20
N LEU A 57 -7.40 41.55 -0.47
CA LEU A 57 -6.42 40.47 -0.42
C LEU A 57 -7.06 39.15 0.01
N ASN A 58 -7.82 39.19 1.13
CA ASN A 58 -8.43 37.96 1.63
C ASN A 58 -9.49 37.41 0.67
N PHE A 59 -10.29 38.29 0.08
CA PHE A 59 -11.32 37.84 -0.84
C PHE A 59 -10.69 37.12 -2.04
N ILE A 60 -9.66 37.72 -2.64
CA ILE A 60 -8.99 37.08 -3.78
C ILE A 60 -8.39 35.74 -3.37
N ASP A 61 -7.67 35.73 -2.25
CA ASP A 61 -7.06 34.51 -1.76
C ASP A 61 -8.08 33.41 -1.54
N VAL A 62 -9.24 33.75 -0.99
CA VAL A 62 -10.24 32.73 -0.69
C VAL A 62 -10.84 32.19 -1.98
N VAL A 63 -11.18 33.06 -2.93
CA VAL A 63 -11.74 32.49 -4.15
C VAL A 63 -10.71 31.62 -4.86
N GLU A 64 -9.42 31.98 -4.80
CA GLU A 64 -8.40 31.12 -5.43
C GLU A 64 -8.26 29.78 -4.71
N ARG A 65 -8.16 29.80 -3.37
CA ARG A 65 -7.93 28.54 -2.68
C ARG A 65 -9.20 27.69 -2.59
N LEU A 66 -10.36 28.29 -2.84
CA LEU A 66 -11.58 27.48 -2.97
C LEU A 66 -11.67 26.76 -4.31
N GLY A 67 -10.75 27.04 -5.24
CA GLY A 67 -10.71 26.37 -6.52
C GLY A 67 -11.65 26.94 -7.57
N VAL A 68 -12.13 28.16 -7.39
CA VAL A 68 -13.04 28.76 -8.37
C VAL A 68 -12.46 30.03 -8.95
N GLY A 69 -11.18 30.29 -8.72
CA GLY A 69 -10.56 31.43 -9.36
C GLY A 69 -10.53 31.32 -10.86
N TYR A 70 -10.69 30.10 -11.40
CA TYR A 70 -10.72 29.98 -12.85
C TYR A 70 -11.98 30.60 -13.43
N ARG A 71 -13.07 30.62 -12.65
CA ARG A 71 -14.28 31.28 -13.11
C ARG A 71 -14.19 32.79 -12.98
N LEU A 72 -13.07 33.31 -12.45
CA LEU A 72 -12.88 34.75 -12.30
C LEU A 72 -11.48 35.16 -12.76
N GLU A 73 -10.87 34.36 -13.64
CA GLU A 73 -9.45 34.47 -13.94
C GLU A 73 -9.06 35.89 -14.30
N GLN A 74 -9.62 36.41 -15.40
CA GLN A 74 -9.26 37.74 -15.85
C GLN A 74 -9.47 38.75 -14.74
N GLU A 75 -10.63 38.67 -14.07
CA GLU A 75 -10.95 39.65 -13.04
C GLU A 75 -9.89 39.65 -11.95
N ILE A 76 -9.35 38.48 -11.60
CA ILE A 76 -8.35 38.45 -10.54
C ILE A 76 -7.04 39.02 -11.05
N GLU A 77 -6.62 38.64 -12.26
CA GLU A 77 -5.31 39.07 -12.73
C GLU A 77 -5.23 40.59 -12.77
N ASP A 78 -6.23 41.23 -13.36
CA ASP A 78 -6.31 42.68 -13.40
C ASP A 78 -6.17 43.25 -11.98
N LEU A 79 -6.93 42.68 -11.05
CA LEU A 79 -6.91 43.18 -9.67
C LEU A 79 -5.50 43.05 -9.09
N VAL A 80 -4.86 41.89 -9.27
CA VAL A 80 -3.52 41.75 -8.70
C VAL A 80 -2.57 42.72 -9.38
N GLN A 81 -2.76 42.94 -10.69
CA GLN A 81 -1.92 43.91 -11.39
C GLN A 81 -2.08 45.28 -10.77
N ALA A 82 -3.33 45.68 -10.50
CA ALA A 82 -3.54 46.96 -9.84
C ALA A 82 -2.83 47.01 -8.50
N ILE A 83 -2.88 45.92 -7.73
CA ILE A 83 -2.22 45.92 -6.43
C ILE A 83 -0.72 46.13 -6.61
N PHE A 84 -0.16 45.51 -7.65
CA PHE A 84 1.28 45.63 -7.87
C PHE A 84 1.64 47.05 -8.29
N ASP A 85 0.70 47.76 -8.93
CA ASP A 85 0.98 49.10 -9.40
C ASP A 85 0.73 50.14 -8.32
N ASN A 86 -0.14 49.85 -7.37
CA ASN A 86 -0.40 50.74 -6.23
C ASN A 86 0.84 50.76 -5.35
N ASP A 87 1.66 51.79 -5.49
CA ASP A 87 2.87 51.88 -4.68
C ASP A 87 2.60 52.40 -3.28
N LYS A 88 1.35 52.72 -2.95
CA LYS A 88 0.94 53.12 -1.61
C LYS A 88 -0.16 52.18 -1.09
N PHE A 89 -0.01 50.88 -1.37
CA PHE A 89 -1.00 49.89 -0.99
C PHE A 89 -0.97 49.60 0.50
N GLY A 90 0.14 49.88 1.18
CA GLY A 90 0.21 49.74 2.62
C GLY A 90 0.84 48.47 3.14
N VAL A 91 1.64 47.77 2.34
CA VAL A 91 2.21 46.50 2.77
C VAL A 91 3.10 46.69 3.98
N ASP A 92 3.67 47.88 4.13
CA ASP A 92 4.59 48.13 5.23
C ASP A 92 3.92 47.99 6.59
N GLU A 93 2.60 48.04 6.66
CA GLU A 93 1.88 48.01 7.93
C GLU A 93 1.11 46.71 8.17
N PHE A 94 1.27 45.71 7.30
CA PHE A 94 0.59 44.44 7.47
C PHE A 94 1.33 43.59 8.50
N ASP A 95 0.58 42.71 9.15
CA ASP A 95 1.16 41.72 10.07
C ASP A 95 1.81 40.58 9.25
N LEU A 96 2.25 39.53 9.95
CA LEU A 96 2.95 38.43 9.29
C LEU A 96 2.08 37.74 8.26
N TYR A 97 0.84 37.39 8.65
CA TYR A 97 -0.03 36.65 7.75
C TYR A 97 -0.31 37.44 6.48
N HIS A 98 -0.64 38.72 6.63
CA HIS A 98 -1.03 39.49 5.46
C HIS A 98 0.19 39.96 4.66
N THR A 99 1.34 40.15 5.30
CA THR A 99 2.56 40.38 4.54
C THR A 99 2.89 39.16 3.69
N SER A 100 2.76 37.97 4.29
CA SER A 100 2.99 36.73 3.60
C SER A 100 1.98 36.51 2.47
N LEU A 101 0.72 36.87 2.71
CA LEU A 101 -0.31 36.72 1.69
C LEU A 101 -0.06 37.65 0.52
N TRP A 102 0.24 38.91 0.81
CA TRP A 102 0.55 39.84 -0.26
C TRP A 102 1.71 39.32 -1.09
N PHE A 103 2.77 38.87 -0.42
CA PHE A 103 3.98 38.40 -1.11
C PHE A 103 3.67 37.17 -1.96
N ARG A 104 3.00 36.18 -1.37
CA ARG A 104 2.68 34.95 -2.08
C ARG A 104 1.80 35.19 -3.29
N LEU A 105 0.70 35.95 -3.11
CA LEU A 105 -0.19 36.23 -4.23
C LEU A 105 0.54 36.93 -5.36
N LEU A 106 1.35 37.93 -5.04
CA LEU A 106 2.04 38.67 -6.08
C LEU A 106 3.04 37.77 -6.81
N ARG A 107 3.76 36.93 -6.07
CA ARG A 107 4.71 36.02 -6.70
C ARG A 107 4.01 35.00 -7.58
N GLN A 108 2.84 34.51 -7.15
CA GLN A 108 2.13 33.50 -7.92
C GLN A 108 1.57 34.05 -9.22
N HIS A 109 1.35 35.36 -9.29
CA HIS A 109 0.81 36.00 -10.48
C HIS A 109 1.90 36.68 -11.30
N GLY A 110 3.16 36.30 -11.09
CA GLY A 110 4.23 36.69 -11.98
C GLY A 110 5.02 37.91 -11.56
N PHE A 111 4.63 38.60 -10.50
CA PHE A 111 5.28 39.84 -10.10
C PHE A 111 6.43 39.55 -9.14
N HIS A 112 7.64 39.98 -9.51
CA HIS A 112 8.87 39.65 -8.77
C HIS A 112 9.08 40.59 -7.58
N VAL A 113 8.14 40.56 -6.63
CA VAL A 113 8.22 41.43 -5.45
C VAL A 113 9.30 40.94 -4.48
N SER A 114 9.83 41.86 -3.70
CA SER A 114 11.06 41.62 -2.95
C SER A 114 10.80 40.97 -1.60
N CYS A 115 11.81 40.25 -1.11
CA CYS A 115 11.78 39.64 0.21
C CYS A 115 11.97 40.67 1.33
N ASP A 116 12.33 41.90 0.97
CA ASP A 116 12.60 42.91 1.98
C ASP A 116 11.37 43.22 2.82
N VAL A 117 10.17 42.90 2.34
CA VAL A 117 8.97 43.14 3.13
C VAL A 117 8.98 42.33 4.40
N PHE A 118 9.81 41.29 4.47
CA PHE A 118 9.87 40.46 5.66
C PHE A 118 10.90 40.97 6.67
N GLY A 119 11.60 42.05 6.34
CA GLY A 119 12.65 42.53 7.23
C GLY A 119 12.14 42.87 8.61
N LYS A 120 10.95 43.45 8.71
CA LYS A 120 10.42 43.87 9.99
C LYS A 120 10.07 42.72 10.91
N PHE A 121 10.16 41.48 10.43
CA PHE A 121 9.90 40.30 11.24
C PHE A 121 11.18 39.62 11.69
N LYS A 122 12.34 40.22 11.40
CA LYS A 122 13.61 39.67 11.81
C LYS A 122 14.15 40.40 13.05
N GLY A 123 15.00 39.71 13.81
CA GLY A 123 15.63 40.28 14.97
C GLY A 123 17.01 40.83 14.68
N ARG A 124 17.73 41.14 15.76
CA ARG A 124 19.09 41.67 15.60
C ARG A 124 20.01 40.63 14.97
N ASN A 125 19.75 39.33 15.19
CA ASN A 125 20.55 38.28 14.58
C ASN A 125 20.37 38.19 13.07
N GLY A 126 19.33 38.80 12.51
CA GLY A 126 18.99 38.58 11.12
C GLY A 126 18.09 37.39 10.88
N ARG A 127 17.58 36.79 11.95
CA ARG A 127 16.67 35.65 11.91
C ARG A 127 15.28 36.10 12.33
N PHE A 128 14.28 35.32 11.98
CA PHE A 128 12.92 35.68 12.36
C PHE A 128 12.75 35.60 13.87
N LYS A 129 11.97 36.54 14.42
CA LYS A 129 11.73 36.57 15.87
C LYS A 129 10.98 35.32 16.32
N ASP A 130 11.58 34.57 17.25
CA ASP A 130 10.85 33.44 17.82
C ASP A 130 9.60 33.88 18.54
N SER A 131 9.50 35.15 18.93
CA SER A 131 8.31 35.65 19.58
C SER A 131 7.09 35.53 18.67
N LEU A 132 7.32 35.49 17.37
CA LEU A 132 6.23 35.38 16.41
C LEU A 132 5.56 34.00 16.45
N ALA A 133 6.16 33.03 17.15
CA ALA A 133 5.61 31.68 17.17
C ALA A 133 4.22 31.61 17.81
N SER A 134 3.85 32.60 18.64
CA SER A 134 2.51 32.61 19.23
C SER A 134 1.44 33.00 18.21
N ASP A 135 1.84 33.64 17.12
CA ASP A 135 0.92 34.01 16.05
C ASP A 135 0.88 32.85 15.04
N VAL A 136 0.16 31.79 15.45
CA VAL A 136 0.09 30.56 14.67
C VAL A 136 -0.34 30.83 13.24
N LYS A 137 -1.41 31.62 13.08
CA LYS A 137 -1.92 31.98 11.77
C LYS A 137 -0.83 32.56 10.87
N GLY A 138 -0.07 33.53 11.40
CA GLY A 138 0.96 34.17 10.60
C GLY A 138 2.11 33.24 10.27
N ILE A 139 2.48 32.37 11.21
CA ILE A 139 3.49 31.36 10.92
C ILE A 139 3.03 30.45 9.79
N LEU A 140 1.75 30.06 9.80
CA LEU A 140 1.23 29.21 8.72
C LEU A 140 1.31 29.94 7.39
N GLY A 141 0.93 31.22 7.38
CA GLY A 141 1.00 31.99 6.15
C GLY A 141 2.41 32.11 5.61
N LEU A 142 3.38 32.33 6.50
CA LEU A 142 4.76 32.44 6.06
C LEU A 142 5.27 31.10 5.54
N TYR A 143 4.90 30.02 6.24
CA TYR A 143 5.25 28.69 5.77
C TYR A 143 4.77 28.49 4.34
N GLU A 144 3.49 28.82 4.07
CA GLU A 144 2.95 28.59 2.73
C GLU A 144 3.61 29.48 1.70
N ALA A 145 3.88 30.75 2.06
CA ALA A 145 4.49 31.65 1.09
C ALA A 145 5.91 31.24 0.76
N SER A 146 6.58 30.54 1.67
CA SER A 146 7.98 30.25 1.42
C SER A 146 8.19 29.24 0.29
N HIS A 147 7.14 28.56 -0.16
CA HIS A 147 7.30 27.54 -1.20
C HIS A 147 7.18 28.10 -2.61
N VAL A 148 7.05 29.41 -2.78
CA VAL A 148 7.16 30.05 -4.08
C VAL A 148 8.56 30.57 -4.32
N ARG A 149 9.48 30.25 -3.42
CA ARG A 149 10.81 30.83 -3.48
C ARG A 149 11.55 30.40 -4.74
N THR A 150 12.39 31.31 -5.23
CA THR A 150 13.26 31.12 -6.39
C THR A 150 14.71 31.24 -5.91
N HIS A 151 15.63 31.25 -6.87
CA HIS A 151 17.03 31.49 -6.58
C HIS A 151 17.20 32.92 -6.09
N GLY A 152 17.96 33.08 -5.01
CA GLY A 152 18.17 34.38 -4.42
C GLY A 152 17.14 34.78 -3.37
N ASP A 153 16.26 33.87 -2.98
CA ASP A 153 15.28 34.11 -1.91
C ASP A 153 15.75 33.44 -0.61
N ASP A 154 16.96 33.81 -0.17
CA ASP A 154 17.52 33.20 1.04
C ASP A 154 16.62 33.44 2.25
N THR A 155 15.91 34.57 2.28
CA THR A 155 14.96 34.83 3.35
C THR A 155 13.91 33.74 3.40
N LEU A 156 13.36 33.33 2.26
CA LEU A 156 12.36 32.28 2.23
C LEU A 156 12.95 30.92 2.58
N ASP A 157 14.21 30.66 2.17
CA ASP A 157 14.88 29.42 2.57
C ASP A 157 14.93 29.31 4.09
N GLU A 158 15.37 30.39 4.77
CA GLU A 158 15.39 30.35 6.22
CA GLU A 158 15.40 30.34 6.22
C GLU A 158 13.99 30.37 6.82
N ALA A 159 13.05 31.05 6.16
CA ALA A 159 11.67 31.11 6.65
C ALA A 159 11.05 29.74 6.70
N LEU A 160 11.40 28.87 5.75
CA LEU A 160 10.86 27.52 5.76
C LEU A 160 11.34 26.75 6.99
N VAL A 161 12.64 26.83 7.29
CA VAL A 161 13.17 26.17 8.48
C VAL A 161 12.50 26.72 9.74
N PHE A 162 12.41 28.05 9.84
CA PHE A 162 11.85 28.69 11.03
C PHE A 162 10.40 28.27 11.27
N THR A 163 9.57 28.43 10.24
CA THR A 163 8.16 28.07 10.35
C THR A 163 7.98 26.57 10.56
N THR A 164 8.80 25.72 9.94
CA THR A 164 8.66 24.29 10.14
C THR A 164 8.89 23.92 11.60
N THR A 165 9.97 24.43 12.18
CA THR A 165 10.24 24.17 13.58
C THR A 165 9.07 24.62 14.48
N HIS A 166 8.57 25.85 14.27
CA HIS A 166 7.51 26.31 15.16
C HIS A 166 6.17 25.61 14.89
N LEU A 167 5.88 25.25 13.65
CA LEU A 167 4.63 24.57 13.35
C LEU A 167 4.63 23.16 13.92
N LYS A 168 5.76 22.46 13.80
CA LYS A 168 5.85 21.15 14.43
C LYS A 168 5.62 21.26 15.93
N ALA A 169 6.17 22.32 16.56
CA ALA A 169 5.91 22.48 17.99
C ALA A 169 4.43 22.73 18.26
N VAL A 170 3.75 23.48 17.39
CA VAL A 170 2.31 23.66 17.59
C VAL A 170 1.59 22.31 17.54
N VAL A 171 1.98 21.46 16.59
CA VAL A 171 1.34 20.14 16.49
C VAL A 171 1.61 19.35 17.77
N THR A 172 2.80 19.49 18.34
CA THR A 172 3.19 18.62 19.45
C THR A 172 2.70 19.14 20.80
N ASN A 173 2.81 20.45 21.04
CA ASN A 173 2.48 21.05 22.34
C ASN A 173 1.04 21.55 22.41
N GLN A 174 0.41 21.82 21.27
CA GLN A 174 -0.96 22.34 21.23
C GLN A 174 -1.86 21.46 20.37
N PRO A 175 -1.97 20.16 20.69
CA PRO A 175 -2.78 19.25 19.84
C PRO A 175 -4.18 19.76 19.57
N ASN A 176 -4.76 20.52 20.52
CA ASN A 176 -6.15 20.95 20.46
C ASN A 176 -6.29 22.38 19.95
N HIS A 177 -5.21 22.98 19.46
CA HIS A 177 -5.31 24.32 18.92
C HIS A 177 -6.22 24.31 17.68
N PRO A 178 -7.07 25.32 17.51
CA PRO A 178 -8.05 25.29 16.42
C PRO A 178 -7.46 25.13 15.03
N LEU A 179 -6.18 25.43 14.83
CA LEU A 179 -5.56 25.37 13.52
C LEU A 179 -4.77 24.09 13.28
N VAL A 180 -4.73 23.18 14.24
CA VAL A 180 -3.91 21.98 14.09
C VAL A 180 -4.31 21.15 12.87
N PRO A 181 -5.59 20.91 12.57
CA PRO A 181 -5.90 20.21 11.30
C PRO A 181 -5.23 20.86 10.09
N GLN A 182 -5.29 22.19 10.02
CA GLN A 182 -4.70 22.93 8.92
C GLN A 182 -3.18 22.87 8.97
N VAL A 183 -2.59 23.01 10.16
CA VAL A 183 -1.14 23.00 10.29
C VAL A 183 -0.60 21.62 9.90
N THR A 184 -1.21 20.56 10.43
CA THR A 184 -0.82 19.19 10.08
C THR A 184 -0.93 18.96 8.58
N HIS A 185 -2.01 19.44 7.96
CA HIS A 185 -2.14 19.20 6.54
C HIS A 185 -1.07 19.96 5.76
N ALA A 186 -0.84 21.21 6.11
CA ALA A 186 0.13 22.02 5.42
C ALA A 186 1.54 21.45 5.57
N LEU A 187 1.85 20.91 6.76
CA LEU A 187 3.15 20.28 6.97
C LEU A 187 3.31 19.05 6.07
N MET A 188 2.22 18.33 5.83
CA MET A 188 2.33 17.24 4.86
C MET A 188 2.27 17.73 3.41
N GLN A 189 1.50 18.76 3.11
CA GLN A 189 1.33 19.25 1.75
C GLN A 189 1.18 20.76 1.71
N PRO A 190 2.25 21.49 1.43
CA PRO A 190 2.10 22.93 1.13
C PRO A 190 1.13 23.14 -0.02
N TYR A 191 0.25 24.14 0.13
CA TYR A 191 -0.78 24.38 -0.88
C TYR A 191 -0.16 24.61 -2.25
N HIS A 192 0.89 25.43 -2.31
CA HIS A 192 1.51 25.80 -3.57
C HIS A 192 2.10 24.60 -4.31
N LYS A 193 2.41 23.51 -3.63
CA LYS A 193 3.03 22.35 -4.21
C LYS A 193 2.08 21.19 -4.37
N GLY A 194 0.80 21.37 -4.01
CA GLY A 194 -0.18 20.32 -4.08
C GLY A 194 -0.99 20.38 -5.37
N MET A 195 -1.75 19.34 -5.58
CA MET A 195 -2.65 19.27 -6.73
C MET A 195 -3.81 20.25 -6.53
N PRO A 196 -3.99 21.24 -7.41
CA PRO A 196 -5.06 22.24 -7.21
C PRO A 196 -6.42 21.68 -6.83
N ARG A 197 -6.88 20.61 -7.49
CA ARG A 197 -8.23 20.11 -7.22
C ARG A 197 -8.35 19.61 -5.78
N LEU A 198 -7.38 18.82 -5.35
CA LEU A 198 -7.41 18.16 -4.06
C LEU A 198 -7.18 19.16 -2.93
N GLU A 199 -6.26 20.11 -3.14
CA GLU A 199 -6.03 21.12 -2.11
C GLU A 199 -7.23 22.04 -1.97
N SER A 200 -7.95 22.29 -3.07
CA SER A 200 -9.18 23.06 -2.95
C SER A 200 -10.26 22.26 -2.22
N ARG A 201 -10.32 20.94 -2.43
CA ARG A 201 -11.27 20.17 -1.67
C ARG A 201 -10.99 20.29 -0.18
N HIS A 202 -9.72 20.20 0.19
CA HIS A 202 -9.42 20.30 1.63
C HIS A 202 -9.69 21.70 2.16
N PHE A 203 -9.38 22.73 1.36
CA PHE A 203 -9.58 24.08 1.85
C PHE A 203 -11.06 24.39 2.02
N ILE A 204 -11.94 23.81 1.18
CA ILE A 204 -13.37 24.02 1.38
C ILE A 204 -13.79 23.55 2.78
N ALA A 205 -13.32 22.37 3.18
CA ALA A 205 -13.64 21.86 4.51
C ALA A 205 -13.06 22.74 5.62
N PHE A 206 -11.80 23.18 5.46
CA PHE A 206 -11.20 24.07 6.45
C PHE A 206 -11.98 25.37 6.57
N TYR A 207 -12.31 25.97 5.42
CA TYR A 207 -12.97 27.27 5.38
C TYR A 207 -14.34 27.22 6.05
N GLU A 208 -15.07 26.11 5.91
CA GLU A 208 -16.34 26.03 6.63
C GLU A 208 -16.15 26.16 8.15
N LYS A 209 -15.00 25.75 8.69
CA LYS A 209 -14.75 25.82 10.13
C LYS A 209 -14.24 27.18 10.57
N ASP A 210 -14.02 28.11 9.65
CA ASP A 210 -13.59 29.45 10.01
C ASP A 210 -14.81 30.25 10.42
N PRO A 211 -14.90 30.71 11.69
CA PRO A 211 -16.09 31.46 12.11
C PRO A 211 -16.37 32.69 11.29
N TYR A 212 -15.37 33.29 10.66
CA TYR A 212 -15.60 34.51 9.89
C TYR A 212 -15.70 34.24 8.39
N HIS A 213 -16.04 33.02 7.98
CA HIS A 213 -16.03 32.73 6.55
C HIS A 213 -17.22 33.39 5.89
N ASP A 214 -17.02 33.81 4.63
CA ASP A 214 -18.07 34.39 3.82
C ASP A 214 -18.98 33.27 3.31
N LYS A 215 -20.27 33.34 3.63
CA LYS A 215 -21.17 32.23 3.30
C LYS A 215 -21.34 32.06 1.79
N THR A 216 -21.35 33.16 1.02
CA THR A 216 -21.57 33.06 -0.42
C THR A 216 -20.35 32.47 -1.12
N LEU A 217 -19.14 32.80 -0.65
CA LEU A 217 -17.93 32.20 -1.21
C LEU A 217 -17.90 30.71 -0.94
N LEU A 218 -18.24 30.30 0.28
CA LEU A 218 -18.28 28.87 0.58
C LEU A 218 -19.30 28.15 -0.30
N LYS A 219 -20.48 28.75 -0.48
CA LYS A 219 -21.46 28.13 -1.34
C LYS A 219 -20.96 28.06 -2.79
N PHE A 220 -20.28 29.11 -3.26
CA PHE A 220 -19.74 29.11 -4.62
C PHE A 220 -18.75 27.97 -4.80
N GLY A 221 -17.82 27.80 -3.84
CA GLY A 221 -16.82 26.76 -3.94
C GLY A 221 -17.42 25.35 -3.89
N LYS A 222 -18.41 25.14 -3.02
CA LYS A 222 -19.06 23.83 -2.93
C LYS A 222 -19.83 23.50 -4.21
N LEU A 223 -20.63 24.44 -4.68
CA LEU A 223 -21.49 24.16 -5.82
C LEU A 223 -20.64 23.92 -7.07
N ASP A 224 -19.62 24.74 -7.30
CA ASP A 224 -18.76 24.53 -8.45
C ASP A 224 -17.99 23.22 -8.32
N PHE A 225 -17.57 22.87 -7.10
CA PHE A 225 -16.90 21.59 -6.94
C PHE A 225 -17.79 20.44 -7.37
N ASN A 226 -19.06 20.47 -6.97
CA ASN A 226 -19.94 19.35 -7.29
C ASN A 226 -20.25 19.31 -8.78
N LEU A 227 -20.41 20.49 -9.40
CA LEU A 227 -20.63 20.58 -10.83
C LEU A 227 -19.45 19.98 -11.57
N VAL A 228 -18.23 20.41 -11.24
CA VAL A 228 -17.02 19.92 -11.92
C VAL A 228 -16.78 18.45 -11.63
N GLN A 229 -17.15 17.99 -10.42
CA GLN A 229 -17.00 16.57 -10.11
C GLN A 229 -17.91 15.70 -10.98
N ALA A 230 -19.12 16.17 -11.30
CA ALA A 230 -19.97 15.40 -12.22
C ALA A 230 -19.32 15.29 -13.61
N LEU A 231 -18.67 16.36 -14.09
CA LEU A 231 -17.95 16.26 -15.36
C LEU A 231 -16.84 15.23 -15.26
N HIS A 232 -16.06 15.27 -14.17
CA HIS A 232 -14.97 14.30 -14.01
C HIS A 232 -15.51 12.88 -14.05
N LYS A 233 -16.59 12.61 -13.32
CA LYS A 233 -17.06 11.23 -13.22
C LYS A 233 -17.68 10.76 -14.54
N LYS A 234 -18.29 11.65 -15.31
CA LYS A 234 -18.73 11.25 -16.64
C LYS A 234 -17.52 10.92 -17.54
N GLU A 235 -16.47 11.76 -17.46
CA GLU A 235 -15.26 11.50 -18.24
C GLU A 235 -14.65 10.15 -17.86
N LEU A 236 -14.57 9.90 -16.56
CA LEU A 236 -13.93 8.70 -16.05
C LEU A 236 -14.73 7.44 -16.37
N LYS A 237 -16.06 7.51 -16.36
CA LYS A 237 -16.83 6.37 -16.83
C LYS A 237 -16.52 6.04 -18.30
N ASP A 238 -16.50 7.07 -19.16
CA ASP A 238 -16.21 6.79 -20.58
C ASP A 238 -14.78 6.27 -20.77
N LEU A 239 -13.79 6.95 -20.18
CA LEU A 239 -12.40 6.53 -20.34
C LEU A 239 -12.16 5.16 -19.68
N SER A 240 -12.92 4.82 -18.63
CA SER A 240 -12.84 3.46 -18.10
C SER A 240 -13.27 2.44 -19.15
N ARG A 241 -14.35 2.74 -19.88
CA ARG A 241 -14.77 1.82 -20.94
C ARG A 241 -13.65 1.62 -21.96
N TRP A 242 -13.06 2.72 -22.44
CA TRP A 242 -11.98 2.62 -23.42
C TRP A 242 -10.78 1.82 -22.90
N TRP A 243 -10.37 2.11 -21.66
CA TRP A 243 -9.24 1.40 -21.06
C TRP A 243 -9.53 -0.10 -20.93
N LYS A 244 -10.72 -0.45 -20.46
CA LYS A 244 -11.07 -1.87 -20.34
C LYS A 244 -11.04 -2.55 -21.69
N ASP A 245 -11.53 -1.87 -22.73
CA ASP A 245 -11.53 -2.44 -24.07
C ASP A 245 -10.10 -2.72 -24.52
N LEU A 246 -9.18 -1.79 -24.24
CA LEU A 246 -7.78 -2.04 -24.59
C LEU A 246 -7.23 -3.25 -23.85
N ASP A 247 -7.55 -3.36 -22.54
CA ASP A 247 -7.05 -4.48 -21.75
C ASP A 247 -7.53 -5.82 -22.27
N MET A 248 -8.75 -5.86 -22.82
CA MET A 248 -9.29 -7.15 -23.25
C MET A 248 -8.72 -7.63 -24.59
N HIS A 249 -7.85 -6.82 -25.23
CA HIS A 249 -7.17 -7.29 -26.44
C HIS A 249 -6.16 -8.38 -26.12
N ALA A 250 -5.52 -8.32 -24.95
CA ALA A 250 -4.57 -9.33 -24.52
C ALA A 250 -5.28 -10.43 -23.76
N LYS A 251 -4.73 -11.64 -23.83
CA LYS A 251 -5.22 -12.74 -23.01
C LYS A 251 -4.76 -12.57 -21.56
N MET A 252 -3.45 -12.49 -21.34
CA MET A 252 -2.95 -12.26 -19.99
C MET A 252 -3.04 -10.78 -19.64
N PRO A 253 -3.42 -10.46 -18.39
CA PRO A 253 -3.57 -9.05 -18.02
C PRO A 253 -2.24 -8.31 -17.91
N PHE A 254 -2.24 -7.06 -18.37
CA PHE A 254 -1.14 -6.15 -18.12
C PHE A 254 -1.15 -5.69 -16.65
N PRO A 255 -0.01 -5.27 -16.11
CA PRO A 255 0.00 -4.70 -14.76
C PRO A 255 -0.96 -3.54 -14.57
N SER A 256 -1.24 -2.77 -15.62
CA SER A 256 -2.06 -1.59 -15.47
C SER A 256 -3.54 -1.90 -15.56
N ARG A 257 -3.92 -3.17 -15.47
CA ARG A 257 -5.32 -3.50 -15.52
C ARG A 257 -5.98 -2.96 -14.24
N ASP A 258 -7.20 -2.47 -14.38
CA ASP A 258 -7.96 -1.90 -13.27
C ASP A 258 -7.33 -0.65 -12.67
N ARG A 259 -6.42 0.03 -13.36
CA ARG A 259 -5.74 1.19 -12.77
C ARG A 259 -6.18 2.50 -13.39
N VAL A 260 -7.35 2.50 -14.05
CA VAL A 260 -7.90 3.75 -14.57
C VAL A 260 -8.09 4.82 -13.50
N PRO A 261 -8.59 4.51 -12.30
CA PRO A 261 -8.73 5.61 -11.31
C PRO A 261 -7.40 6.25 -10.99
N GLU A 262 -6.34 5.46 -10.78
CA GLU A 262 -5.03 6.04 -10.50
C GLU A 262 -4.51 6.83 -11.69
N GLY A 263 -4.74 6.32 -12.91
CA GLY A 263 -4.31 7.07 -14.08
C GLY A 263 -5.08 8.37 -14.23
N TYR A 264 -6.38 8.34 -14.00
CA TYR A 264 -7.17 9.56 -14.12
C TYR A 264 -6.84 10.54 -12.99
N PHE A 265 -6.55 10.03 -11.79
CA PHE A 265 -6.08 10.92 -10.73
C PHE A 265 -4.84 11.66 -11.19
N TRP A 266 -3.86 10.92 -11.71
CA TRP A 266 -2.72 11.53 -12.39
CA TRP A 266 -2.72 11.57 -12.34
C TRP A 266 -3.16 12.60 -13.38
N THR A 267 -4.12 12.22 -14.24
CA THR A 267 -4.54 13.11 -15.32
C THR A 267 -5.16 14.40 -14.79
N LEU A 268 -5.81 14.36 -13.62
CA LEU A 268 -6.40 15.57 -13.10
C LEU A 268 -5.34 16.56 -12.60
N GLY A 269 -4.09 16.13 -12.46
CA GLY A 269 -3.03 16.99 -11.99
C GLY A 269 -2.81 18.23 -12.84
N PRO A 270 -2.45 18.01 -14.12
CA PRO A 270 -2.22 19.16 -15.03
C PRO A 270 -3.41 20.07 -15.14
N PHE A 271 -4.62 19.53 -15.06
CA PHE A 271 -5.80 20.32 -15.34
C PHE A 271 -7.04 19.63 -14.79
N TYR A 272 -7.89 20.38 -14.07
CA TYR A 272 -9.15 19.88 -13.56
C TYR A 272 -10.35 20.64 -14.08
N GLU A 273 -10.15 21.82 -14.67
CA GLU A 273 -11.25 22.70 -15.05
C GLU A 273 -12.03 22.11 -16.21
N PRO A 274 -13.32 22.48 -16.34
CA PRO A 274 -14.15 21.89 -17.41
C PRO A 274 -13.60 21.98 -18.83
N GLN A 275 -12.86 23.04 -19.17
CA GLN A 275 -12.47 23.31 -20.55
C GLN A 275 -11.33 22.42 -21.04
N PHE A 276 -10.82 21.52 -20.20
CA PHE A 276 -9.68 20.69 -20.54
C PHE A 276 -10.05 19.22 -20.67
N ALA A 277 -11.33 18.95 -20.96
CA ALA A 277 -11.74 17.56 -21.15
C ALA A 277 -10.89 16.88 -22.22
N LEU A 278 -10.71 17.54 -23.37
CA LEU A 278 -9.90 16.95 -24.43
C LEU A 278 -8.48 16.73 -23.95
N CYS A 279 -7.92 17.71 -23.22
CA CYS A 279 -6.59 17.51 -22.64
C CYS A 279 -6.57 16.25 -21.80
N ARG A 280 -7.57 16.12 -20.90
CA ARG A 280 -7.58 14.96 -20.01
C ARG A 280 -7.79 13.66 -20.79
N LYS A 281 -8.51 13.71 -21.90
CA LYS A 281 -8.67 12.49 -22.70
C LYS A 281 -7.33 12.06 -23.29
N PHE A 282 -6.54 13.02 -23.78
CA PHE A 282 -5.26 12.64 -24.40
C PHE A 282 -4.29 12.12 -23.35
N PHE A 283 -4.17 12.86 -22.23
CA PHE A 283 -3.21 12.51 -21.18
C PHE A 283 -3.50 11.12 -20.64
N LEU A 284 -4.78 10.82 -20.38
CA LEU A 284 -5.13 9.51 -19.86
C LEU A 284 -4.72 8.43 -20.85
N GLN A 285 -5.05 8.63 -22.14
CA GLN A 285 -4.83 7.57 -23.11
C GLN A 285 -3.35 7.34 -23.34
N VAL A 286 -2.57 8.42 -23.45
CA VAL A 286 -1.14 8.24 -23.56
C VAL A 286 -0.63 7.55 -22.31
N PHE A 287 -1.19 7.92 -21.14
CA PHE A 287 -0.78 7.27 -19.91
C PHE A 287 -0.94 5.76 -20.04
N LYS A 288 -2.09 5.32 -20.52
CA LYS A 288 -2.31 3.88 -20.63
C LYS A 288 -1.36 3.27 -21.66
N VAL A 289 -1.19 3.92 -22.80
CA VAL A 289 -0.35 3.35 -23.85
C VAL A 289 1.09 3.28 -23.39
N THR A 290 1.57 4.36 -22.73
CA THR A 290 2.89 4.34 -22.13
C THR A 290 3.05 3.18 -21.17
N SER A 291 2.03 2.94 -20.34
CA SER A 291 2.12 1.86 -19.38
C SER A 291 2.31 0.55 -20.10
N ILE A 292 1.59 0.38 -21.22
CA ILE A 292 1.65 -0.84 -21.99
C ILE A 292 3.03 -1.02 -22.61
N VAL A 293 3.62 0.05 -23.15
CA VAL A 293 4.92 -0.22 -23.76
C VAL A 293 5.94 -0.38 -22.65
N ASP A 294 5.70 0.23 -21.48
CA ASP A 294 6.63 0.04 -20.39
C ASP A 294 6.66 -1.43 -20.00
N ASP A 295 5.51 -2.12 -20.07
CA ASP A 295 5.48 -3.55 -19.78
C ASP A 295 6.41 -4.30 -20.71
N ILE A 296 6.44 -3.91 -21.99
CA ILE A 296 7.30 -4.58 -22.96
C ILE A 296 8.76 -4.46 -22.51
N TYR A 297 9.18 -3.27 -22.12
CA TYR A 297 10.58 -3.09 -21.77
C TYR A 297 10.93 -3.64 -20.40
N ASP A 298 9.94 -3.99 -19.58
CA ASP A 298 10.25 -4.48 -18.25
C ASP A 298 10.14 -6.00 -18.18
N ALA A 299 9.72 -6.65 -19.26
CA ALA A 299 9.52 -8.08 -19.28
C ALA A 299 10.85 -8.78 -19.46
N TYR A 300 10.80 -10.11 -19.52
CA TYR A 300 11.99 -10.96 -19.63
C TYR A 300 12.28 -11.34 -21.07
N GLY A 301 12.09 -10.39 -22.00
CA GLY A 301 12.40 -10.63 -23.39
C GLY A 301 13.85 -10.28 -23.68
N THR A 302 14.30 -10.72 -24.85
CA THR A 302 15.70 -10.53 -25.22
C THR A 302 15.98 -9.10 -25.66
N ILE A 303 17.25 -8.72 -25.62
CA ILE A 303 17.65 -7.41 -26.08
C ILE A 303 17.45 -7.27 -27.59
N ASP A 304 17.44 -8.37 -28.35
CA ASP A 304 17.11 -8.30 -29.77
C ASP A 304 15.63 -7.99 -29.98
N GLU A 305 14.76 -8.59 -29.16
CA GLU A 305 13.34 -8.28 -29.26
C GLU A 305 13.07 -6.82 -28.88
N LEU A 306 13.81 -6.30 -27.90
CA LEU A 306 13.65 -4.90 -27.55
C LEU A 306 14.19 -3.97 -28.62
N THR A 307 15.28 -4.39 -29.28
CA THR A 307 15.80 -3.65 -30.44
C THR A 307 14.77 -3.58 -31.56
N ALA A 308 14.19 -4.73 -31.91
CA ALA A 308 13.15 -4.74 -32.93
C ALA A 308 11.96 -3.87 -32.52
N PHE A 309 11.54 -3.94 -31.25
CA PHE A 309 10.39 -3.12 -30.90
C PHE A 309 10.71 -1.63 -30.99
N THR A 310 11.90 -1.21 -30.54
CA THR A 310 12.27 0.21 -30.64
C THR A 310 12.36 0.65 -32.10
N LYS A 311 12.98 -0.15 -32.97
CA LYS A 311 13.06 0.21 -34.37
C LYS A 311 11.67 0.31 -35.00
N ALA A 312 10.80 -0.66 -34.70
CA ALA A 312 9.45 -0.62 -35.22
C ALA A 312 8.71 0.61 -34.72
N ALA A 313 8.98 1.04 -33.49
CA ALA A 313 8.39 2.28 -33.01
C ALA A 313 8.92 3.47 -33.80
N GLU A 314 10.21 3.44 -34.16
CA GLU A 314 10.76 4.53 -34.96
C GLU A 314 10.09 4.59 -36.34
N ARG A 315 9.76 3.44 -36.93
CA ARG A 315 9.08 3.46 -38.22
C ARG A 315 7.60 3.84 -38.09
N TRP A 316 6.95 3.43 -37.00
CA TRP A 316 5.55 3.78 -36.71
C TRP A 316 4.60 3.43 -37.87
N ASP A 317 4.49 2.13 -38.13
CA ASP A 317 3.66 1.67 -39.22
C ASP A 317 3.13 0.26 -38.93
N ARG A 318 1.87 0.01 -39.30
CA ARG A 318 1.29 -1.32 -39.11
C ARG A 318 2.04 -2.43 -39.85
N SER A 319 2.86 -2.09 -40.85
CA SER A 319 3.68 -3.12 -41.49
C SER A 319 4.57 -3.82 -40.47
N CYS A 320 4.95 -3.11 -39.40
CA CYS A 320 5.77 -3.72 -38.36
C CYS A 320 5.04 -4.78 -37.54
N LEU A 321 3.70 -4.82 -37.58
CA LEU A 321 2.96 -5.81 -36.79
C LEU A 321 3.31 -7.25 -37.18
N ASP A 322 3.62 -7.52 -38.45
CA ASP A 322 3.92 -8.89 -38.85
C ASP A 322 5.32 -9.33 -38.45
N GLU A 323 6.23 -8.39 -38.22
CA GLU A 323 7.61 -8.70 -37.89
C GLU A 323 7.84 -8.85 -36.39
N LEU A 324 6.95 -8.33 -35.55
CA LEU A 324 7.21 -8.34 -34.12
C LEU A 324 6.78 -9.66 -33.50
N PRO A 325 7.44 -10.09 -32.42
CA PRO A 325 6.99 -11.27 -31.68
C PRO A 325 5.57 -11.08 -31.16
N GLU A 326 4.87 -12.21 -31.02
CA GLU A 326 3.44 -12.16 -30.72
C GLU A 326 3.13 -11.27 -29.53
N TYR A 327 3.87 -11.43 -28.43
CA TYR A 327 3.49 -10.74 -27.21
C TYR A 327 3.64 -9.23 -27.29
N MET A 328 4.25 -8.69 -28.34
CA MET A 328 4.43 -7.25 -28.50
C MET A 328 3.34 -6.61 -29.34
N LYS A 329 2.54 -7.42 -30.03
CA LYS A 329 1.63 -6.88 -31.04
C LYS A 329 0.53 -6.02 -30.41
N VAL A 330 -0.03 -6.45 -29.27
CA VAL A 330 -1.12 -5.63 -28.71
C VAL A 330 -0.61 -4.24 -28.37
N SER A 331 0.56 -4.15 -27.74
CA SER A 331 1.12 -2.86 -27.38
C SER A 331 1.43 -2.00 -28.61
N TYR A 332 2.03 -2.61 -29.64
CA TYR A 332 2.38 -1.81 -30.81
C TYR A 332 1.14 -1.29 -31.52
N ALA A 333 0.15 -2.16 -31.69
CA ALA A 333 -1.11 -1.76 -32.31
C ALA A 333 -1.77 -0.65 -31.51
N SER A 334 -1.72 -0.72 -30.17
CA SER A 334 -2.30 0.35 -29.37
C SER A 334 -1.59 1.68 -29.63
N LEU A 335 -0.28 1.65 -29.82
CA LEU A 335 0.42 2.90 -30.17
C LEU A 335 -0.16 3.51 -31.45
N ILE A 336 -0.18 2.70 -32.53
CA ILE A 336 -0.63 3.22 -33.82
C ILE A 336 -2.08 3.69 -33.72
N ASP A 337 -2.94 2.85 -33.12
CA ASP A 337 -4.37 3.14 -33.06
C ASP A 337 -4.65 4.41 -32.28
N THR A 338 -4.08 4.52 -31.08
CA THR A 338 -4.38 5.64 -30.20
C THR A 338 -3.98 6.97 -30.84
N PHE A 339 -2.79 7.03 -31.44
CA PHE A 339 -2.43 8.32 -32.04
C PHE A 339 -3.24 8.62 -33.30
N GLU A 340 -3.67 7.58 -34.02
CA GLU A 340 -4.62 7.84 -35.11
C GLU A 340 -5.93 8.41 -34.57
N GLU A 341 -6.34 7.93 -33.40
CA GLU A 341 -7.54 8.47 -32.77
C GLU A 341 -7.34 9.94 -32.37
N PHE A 342 -6.13 10.29 -31.91
CA PHE A 342 -5.85 11.70 -31.60
C PHE A 342 -6.01 12.56 -32.86
N GLU A 343 -5.52 12.06 -33.99
CA GLU A 343 -5.69 12.77 -35.26
C GLU A 343 -7.17 13.01 -35.57
N ARG A 344 -7.99 11.96 -35.42
CA ARG A 344 -9.42 12.14 -35.66
C ARG A 344 -10.01 13.15 -34.69
N ASP A 345 -9.59 13.12 -33.42
CA ASP A 345 -10.17 14.04 -32.44
C ASP A 345 -9.81 15.48 -32.77
N LEU A 346 -8.66 15.70 -33.41
CA LEU A 346 -8.25 17.07 -33.68
C LEU A 346 -8.62 17.55 -35.08
N ALA A 347 -9.13 16.68 -35.96
CA ALA A 347 -9.48 17.12 -37.31
C ALA A 347 -10.56 18.21 -37.36
N PRO A 348 -11.71 18.11 -36.66
CA PRO A 348 -12.71 19.19 -36.76
C PRO A 348 -12.17 20.58 -36.44
N GLN A 349 -11.09 20.65 -35.66
CA GLN A 349 -10.46 21.93 -35.36
C GLN A 349 -9.29 22.26 -36.28
N GLY A 350 -9.00 21.40 -37.26
CA GLY A 350 -7.88 21.64 -38.15
C GLY A 350 -6.56 21.67 -37.43
N ARG A 351 -6.35 20.68 -36.55
CA ARG A 351 -5.18 20.62 -35.70
C ARG A 351 -4.49 19.25 -35.72
N SER A 352 -4.85 18.38 -36.65
CA SER A 352 -4.22 17.06 -36.70
C SER A 352 -2.72 17.14 -36.90
N TRP A 353 -2.23 18.22 -37.51
CA TRP A 353 -0.80 18.39 -37.79
C TRP A 353 0.05 18.30 -36.54
N SER A 354 -0.54 18.59 -35.38
CA SER A 354 0.18 18.61 -34.11
C SER A 354 0.43 17.23 -33.53
N VAL A 355 -0.36 16.22 -33.93
CA VAL A 355 -0.18 14.91 -33.31
C VAL A 355 1.24 14.44 -33.50
N LYS A 356 1.84 14.84 -34.62
CA LYS A 356 3.22 14.50 -34.95
C LYS A 356 4.15 14.76 -33.79
N TYR A 357 4.04 15.94 -33.17
CA TYR A 357 4.94 16.29 -32.08
C TYR A 357 4.83 15.34 -30.90
N ALA A 358 3.61 14.88 -30.58
CA ALA A 358 3.46 13.92 -29.49
C ALA A 358 4.01 12.56 -29.89
N ARG A 359 3.81 12.18 -31.16
CA ARG A 359 4.30 10.88 -31.63
C ARG A 359 5.81 10.80 -31.48
N GLU A 360 6.50 11.86 -31.84
CA GLU A 360 7.96 11.89 -31.67
C GLU A 360 8.34 11.73 -30.20
N GLU A 361 7.61 12.40 -29.29
CA GLU A 361 7.95 12.20 -27.89
C GLU A 361 7.74 10.75 -27.50
N MET A 362 6.69 10.13 -28.03
CA MET A 362 6.46 8.73 -27.71
C MET A 362 7.62 7.88 -28.22
N ILE A 363 8.12 8.20 -29.41
CA ILE A 363 9.26 7.47 -29.93
C ILE A 363 10.46 7.67 -29.01
N GLN A 364 10.66 8.92 -28.56
CA GLN A 364 11.74 9.20 -27.62
C GLN A 364 11.60 8.33 -26.37
N MET A 365 10.37 8.14 -25.89
CA MET A 365 10.18 7.31 -24.71
C MET A 365 10.70 5.91 -24.93
N CYS A 366 10.41 5.34 -26.11
CA CYS A 366 10.92 4.00 -26.41
C CYS A 366 12.44 4.01 -26.43
N ARG A 367 13.04 5.02 -27.06
CA ARG A 367 14.50 5.10 -27.11
C ARG A 367 15.10 5.09 -25.70
N VAL A 368 14.60 5.95 -24.80
CA VAL A 368 15.23 5.97 -23.48
C VAL A 368 14.93 4.68 -22.73
N TYR A 369 13.75 4.09 -22.94
CA TYR A 369 13.51 2.76 -22.39
C TYR A 369 14.56 1.78 -22.91
N TYR A 370 14.76 1.78 -24.23
CA TYR A 370 15.76 0.89 -24.80
C TYR A 370 17.10 1.11 -24.14
N GLN A 371 17.49 2.38 -23.94
CA GLN A 371 18.78 2.66 -23.32
C GLN A 371 18.84 2.03 -21.93
N GLU A 372 17.78 2.21 -21.14
CA GLU A 372 17.77 1.64 -19.81
C GLU A 372 17.85 0.13 -19.89
N ALA A 373 17.16 -0.46 -20.85
CA ALA A 373 17.29 -1.90 -21.02
C ALA A 373 18.71 -2.25 -21.38
N LYS A 374 19.31 -1.51 -22.33
CA LYS A 374 20.67 -1.81 -22.77
C LYS A 374 21.64 -1.80 -21.60
N TRP A 375 21.62 -0.71 -20.80
CA TRP A 375 22.51 -0.61 -19.64
C TRP A 375 22.42 -1.85 -18.76
N CYS A 376 21.21 -2.39 -18.62
CA CYS A 376 21.01 -3.58 -17.81
C CYS A 376 21.52 -4.83 -18.52
N HIS A 377 21.24 -4.97 -19.82
CA HIS A 377 21.62 -6.21 -20.48
C HIS A 377 23.12 -6.31 -20.67
N GLU A 378 23.78 -5.21 -21.05
CA GLU A 378 25.24 -5.19 -21.21
C GLU A 378 25.96 -4.89 -19.90
N LYS A 379 25.25 -4.92 -18.78
CA LYS A 379 25.81 -4.74 -17.43
C LYS A 379 26.69 -3.49 -17.31
N TYR A 380 26.23 -2.37 -17.84
CA TYR A 380 26.93 -1.11 -17.70
C TYR A 380 26.35 -0.34 -16.51
N SER A 381 27.22 0.31 -15.75
CA SER A 381 26.80 1.08 -14.57
C SER A 381 27.13 2.54 -14.82
N PRO A 382 26.16 3.34 -15.23
CA PRO A 382 26.42 4.76 -15.49
C PRO A 382 26.64 5.55 -14.21
N THR A 383 27.29 6.70 -14.38
CA THR A 383 27.30 7.70 -13.34
C THR A 383 25.94 8.36 -13.23
N CYS A 384 25.70 9.04 -12.10
CA CYS A 384 24.39 9.65 -11.88
C CYS A 384 24.04 10.67 -12.95
N ASP A 385 24.98 11.57 -13.27
CA ASP A 385 24.71 12.57 -14.30
C ASP A 385 24.46 11.92 -15.66
N GLU A 386 25.15 10.81 -15.94
CA GLU A 386 24.93 10.08 -17.18
C GLU A 386 23.57 9.40 -17.18
N TYR A 387 23.24 8.71 -16.08
CA TYR A 387 21.94 8.06 -15.93
C TYR A 387 20.80 9.06 -16.16
N LEU A 388 20.92 10.25 -15.60
CA LEU A 388 19.86 11.25 -15.75
C LEU A 388 19.83 11.80 -17.18
N GLU A 389 20.97 12.29 -17.67
CA GLU A 389 21.04 13.02 -18.93
C GLU A 389 20.72 12.14 -20.13
N LYS A 390 21.11 10.87 -20.08
CA LYS A 390 20.94 10.05 -21.27
C LYS A 390 19.62 9.31 -21.32
N ALA A 391 19.02 8.95 -20.18
CA ALA A 391 17.73 8.26 -20.27
C ALA A 391 16.67 8.64 -19.23
N SER A 392 17.09 8.80 -17.96
CA SER A 392 16.15 8.66 -16.86
C SER A 392 15.30 9.90 -16.64
N ILE A 393 15.82 11.09 -16.96
CA ILE A 393 14.98 12.28 -16.86
C ILE A 393 13.81 12.17 -17.83
N VAL A 394 14.10 11.85 -19.09
CA VAL A 394 13.07 11.76 -20.10
C VAL A 394 12.19 10.54 -19.86
N SER A 395 12.79 9.41 -19.47
CA SER A 395 11.98 8.22 -19.25
C SER A 395 11.00 8.37 -18.08
N PHE A 396 11.09 9.46 -17.32
CA PHE A 396 10.03 9.66 -16.32
C PHE A 396 8.70 9.93 -17.01
N GLY A 397 8.72 10.67 -18.11
CA GLY A 397 7.54 10.76 -18.97
C GLY A 397 7.02 12.16 -19.22
N TYR A 398 7.73 13.18 -18.75
CA TYR A 398 7.22 14.55 -18.77
C TYR A 398 7.61 15.33 -20.01
N ASN A 399 8.62 14.89 -20.75
CA ASN A 399 8.78 15.42 -22.09
C ASN A 399 7.59 15.04 -22.96
N LEU A 400 7.17 13.78 -22.87
CA LEU A 400 5.91 13.37 -23.48
C LEU A 400 4.72 14.03 -22.78
N GLY A 401 4.76 14.10 -21.45
CA GLY A 401 3.62 14.67 -20.73
C GLY A 401 3.29 16.09 -21.14
N THR A 402 4.31 16.95 -21.21
CA THR A 402 4.08 18.35 -21.58
C THR A 402 3.53 18.49 -22.99
N VAL A 403 4.07 17.70 -23.92
CA VAL A 403 3.61 17.79 -25.31
C VAL A 403 2.17 17.31 -25.41
N VAL A 404 1.83 16.25 -24.67
CA VAL A 404 0.47 15.75 -24.71
C VAL A 404 -0.49 16.73 -24.03
N CYS A 405 -0.04 17.42 -22.98
CA CYS A 405 -0.86 18.48 -22.37
C CYS A 405 -1.18 19.55 -23.41
N PHE A 406 -0.15 20.02 -24.13
CA PHE A 406 -0.38 21.03 -25.17
C PHE A 406 -1.31 20.50 -26.25
N LEU A 407 -1.27 19.21 -26.53
CA LEU A 407 -2.05 18.62 -27.63
C LEU A 407 -3.53 19.00 -27.56
N GLY A 408 -4.09 19.11 -26.36
CA GLY A 408 -5.52 19.34 -26.25
C GLY A 408 -5.93 20.76 -25.97
N MET A 409 -5.03 21.73 -26.04
CA MET A 409 -5.28 23.08 -25.53
C MET A 409 -5.77 24.05 -26.59
N GLY A 410 -5.92 23.64 -27.83
CA GLY A 410 -6.46 24.55 -28.83
C GLY A 410 -5.44 25.57 -29.32
N ASP A 411 -5.99 26.69 -29.83
CA ASP A 411 -5.19 27.66 -30.57
C ASP A 411 -4.01 28.22 -29.77
N VAL A 412 -4.06 28.17 -28.44
CA VAL A 412 -2.97 28.76 -27.66
C VAL A 412 -1.70 27.93 -27.82
N ALA A 413 -1.83 26.61 -27.96
CA ALA A 413 -0.68 25.77 -28.26
C ALA A 413 -0.33 25.95 -29.72
N THR A 414 0.50 26.95 -30.01
CA THR A 414 0.94 27.14 -31.38
C THR A 414 2.02 26.13 -31.73
N LYS A 415 2.27 25.99 -33.04
CA LYS A 415 3.36 25.15 -33.51
C LYS A 415 4.68 25.59 -32.88
N GLU A 416 4.84 26.90 -32.66
CA GLU A 416 6.05 27.40 -32.02
C GLU A 416 6.20 26.83 -30.62
N ALA A 417 5.10 26.68 -29.88
CA ALA A 417 5.18 26.11 -28.53
C ALA A 417 5.51 24.62 -28.59
N PHE A 418 4.95 23.89 -29.56
CA PHE A 418 5.32 22.49 -29.69
C PHE A 418 6.80 22.34 -29.98
N GLU A 419 7.34 23.18 -30.86
CA GLU A 419 8.76 23.11 -31.16
C GLU A 419 9.61 23.51 -29.97
N TRP A 420 9.11 24.45 -29.16
CA TRP A 420 9.80 24.86 -27.94
C TRP A 420 9.90 23.70 -26.96
N ALA A 421 8.79 22.99 -26.74
CA ALA A 421 8.82 21.85 -25.82
C ALA A 421 9.61 20.67 -26.40
N ARG A 422 9.62 20.53 -27.72
CA ARG A 422 10.38 19.45 -28.35
C ARG A 422 11.88 19.66 -28.18
N GLY A 423 12.32 20.90 -28.02
CA GLY A 423 13.74 21.17 -27.83
C GLY A 423 14.24 21.02 -26.40
N ASN A 424 13.46 20.37 -25.53
CA ASN A 424 13.85 20.02 -24.17
C ASN A 424 14.23 21.26 -23.35
N PRO A 425 13.33 22.23 -23.21
CA PRO A 425 13.67 23.44 -22.47
C PRO A 425 13.98 23.13 -21.01
N LYS A 426 14.67 24.08 -20.37
CA LYS A 426 15.11 23.92 -18.99
C LYS A 426 13.96 23.59 -18.04
N VAL A 427 12.79 24.19 -18.24
CA VAL A 427 11.71 23.96 -17.29
C VAL A 427 11.10 22.55 -17.46
N VAL A 428 11.06 22.02 -18.69
CA VAL A 428 10.58 20.65 -18.85
C VAL A 428 11.57 19.67 -18.22
N ARG A 429 12.85 19.98 -18.34
CA ARG A 429 13.87 19.17 -17.67
C ARG A 429 13.70 19.25 -16.15
N ALA A 430 13.37 20.43 -15.63
CA ALA A 430 13.13 20.58 -14.20
C ALA A 430 11.98 19.69 -13.73
N ALA A 431 10.86 19.74 -14.45
CA ALA A 431 9.74 18.87 -14.09
C ALA A 431 10.18 17.41 -14.10
N GLY A 432 10.95 17.01 -15.12
CA GLY A 432 11.43 15.64 -15.16
C GLY A 432 12.39 15.31 -14.02
N ILE A 433 13.29 16.22 -13.67
CA ILE A 433 14.20 15.97 -12.55
C ILE A 433 13.40 15.78 -11.26
N ILE A 434 12.39 16.63 -11.02
CA ILE A 434 11.57 16.45 -9.81
C ILE A 434 10.96 15.05 -9.81
N GLY A 435 10.30 14.68 -10.90
CA GLY A 435 9.65 13.39 -10.94
C GLY A 435 10.63 12.23 -10.80
N ARG A 436 11.69 12.23 -11.62
CA ARG A 436 12.62 11.11 -11.60
C ARG A 436 13.30 10.96 -10.26
N LEU A 437 13.77 12.06 -9.69
CA LEU A 437 14.47 11.96 -8.42
C LEU A 437 13.52 11.54 -7.29
N MET A 438 12.26 12.03 -7.27
CA MET A 438 11.38 11.59 -6.19
C MET A 438 11.01 10.12 -6.35
N ASP A 439 10.76 9.67 -7.60
CA ASP A 439 10.47 8.28 -7.85
C ASP A 439 11.63 7.39 -7.37
N ASP A 440 12.86 7.76 -7.73
CA ASP A 440 14.00 6.91 -7.40
C ASP A 440 14.31 6.96 -5.90
N ILE A 441 14.30 8.15 -5.27
CA ILE A 441 14.57 8.22 -3.84
C ILE A 441 13.55 7.40 -3.07
N GLY A 442 12.27 7.47 -3.45
CA GLY A 442 11.28 6.75 -2.69
C GLY A 442 11.10 5.28 -3.05
N SER A 443 11.69 4.80 -4.15
CA SER A 443 11.35 3.45 -4.61
C SER A 443 11.91 2.35 -3.72
N HIS A 444 13.12 2.53 -3.18
CA HIS A 444 13.79 1.47 -2.42
C HIS A 444 15.03 2.07 -1.79
N HIS A 445 15.58 1.35 -0.81
CA HIS A 445 16.84 1.72 -0.15
C HIS A 445 18.01 1.05 -0.88
N PHE A 446 19.23 1.48 -0.53
CA PHE A 446 20.43 1.02 -1.23
C PHE A 446 20.54 -0.51 -1.22
N GLU A 447 20.30 -1.14 -0.08
CA GLU A 447 20.49 -2.59 -0.02
C GLU A 447 19.40 -3.35 -0.77
N GLN A 448 18.39 -2.67 -1.27
CA GLN A 448 17.28 -3.29 -1.99
C GLN A 448 17.31 -2.95 -3.46
N GLY A 449 18.49 -2.63 -3.99
CA GLY A 449 18.61 -2.38 -5.41
C GLY A 449 18.60 -3.66 -6.20
N ARG A 450 18.41 -3.53 -7.51
CA ARG A 450 18.54 -4.65 -8.41
C ARG A 450 19.88 -4.57 -9.13
N ASP A 451 20.64 -5.66 -9.10
CA ASP A 451 21.96 -5.65 -9.73
C ASP A 451 21.84 -5.27 -11.20
N HIS A 452 22.63 -4.29 -11.62
CA HIS A 452 22.79 -3.83 -13.00
C HIS A 452 21.60 -3.02 -13.49
N VAL A 453 20.62 -2.73 -12.65
CA VAL A 453 19.55 -1.82 -13.02
C VAL A 453 19.86 -0.46 -12.41
N PRO A 454 20.30 0.53 -13.19
CA PRO A 454 20.70 1.81 -12.60
C PRO A 454 19.55 2.53 -11.91
N SER A 455 19.90 3.26 -10.86
CA SER A 455 18.98 4.11 -10.11
C SER A 455 19.74 5.30 -9.51
N ALA A 456 19.06 6.44 -9.39
CA ALA A 456 19.71 7.70 -9.07
C ALA A 456 20.51 7.64 -7.77
N VAL A 457 19.93 7.08 -6.71
CA VAL A 457 20.63 7.03 -5.44
C VAL A 457 21.83 6.09 -5.53
N GLU A 458 21.63 4.90 -6.09
CA GLU A 458 22.77 3.98 -6.23
C GLU A 458 23.84 4.58 -7.13
N CYS A 459 23.46 5.24 -8.23
CA CYS A 459 24.46 5.84 -9.10
C CYS A 459 25.21 6.95 -8.39
N TYR A 460 24.49 7.74 -7.57
CA TYR A 460 25.16 8.83 -6.89
C TYR A 460 26.14 8.30 -5.85
N ILE A 461 25.72 7.24 -5.14
CA ILE A 461 26.60 6.64 -4.13
C ILE A 461 27.85 6.07 -4.78
N ARG A 462 27.68 5.34 -5.88
CA ARG A 462 28.86 4.72 -6.46
C ARG A 462 29.73 5.74 -7.18
N GLN A 463 29.15 6.84 -7.68
CA GLN A 463 29.96 7.84 -8.37
C GLN A 463 30.75 8.71 -7.39
N HIS A 464 30.13 9.15 -6.29
CA HIS A 464 30.77 10.13 -5.43
C HIS A 464 31.36 9.55 -4.15
N GLY A 465 31.12 8.26 -3.88
CA GLY A 465 31.66 7.65 -2.68
C GLY A 465 31.09 8.23 -1.40
N VAL A 466 29.79 8.45 -1.35
CA VAL A 466 29.11 8.91 -0.15
C VAL A 466 28.07 7.87 0.23
N ASP A 467 27.48 8.05 1.42
CA ASP A 467 26.51 7.09 1.90
C ASP A 467 25.09 7.44 1.41
N GLU A 468 24.15 6.55 1.73
CA GLU A 468 22.78 6.74 1.27
C GLU A 468 22.19 8.06 1.78
N VAL A 469 22.42 8.38 3.07
CA VAL A 469 21.88 9.61 3.63
C VAL A 469 22.39 10.82 2.85
N THR A 470 23.68 10.84 2.55
CA THR A 470 24.25 11.98 1.83
C THR A 470 23.71 12.07 0.42
N ALA A 471 23.65 10.94 -0.30
CA ALA A 471 23.09 10.95 -1.64
C ALA A 471 21.67 11.45 -1.65
N GLN A 472 20.86 11.00 -0.69
CA GLN A 472 19.49 11.49 -0.59
C GLN A 472 19.46 13.00 -0.36
N ARG A 473 20.34 13.51 0.52
CA ARG A 473 20.35 14.96 0.77
C ARG A 473 20.80 15.76 -0.47
N GLU A 474 21.82 15.29 -1.20
CA GLU A 474 22.28 16.06 -2.36
C GLU A 474 21.26 16.01 -3.50
N LEU A 475 20.63 14.86 -3.71
CA LEU A 475 19.59 14.78 -4.73
C LEU A 475 18.36 15.57 -4.31
N GLY A 476 18.04 15.62 -3.02
CA GLY A 476 16.97 16.50 -2.57
C GLY A 476 17.28 17.94 -2.86
N LYS A 477 18.56 18.32 -2.78
CA LYS A 477 18.93 19.68 -3.19
C LYS A 477 18.67 19.90 -4.68
N ARG A 478 18.92 18.87 -5.51
CA ARG A 478 18.60 19.03 -6.93
C ARG A 478 17.09 19.21 -7.14
N VAL A 479 16.27 18.46 -6.39
CA VAL A 479 14.82 18.64 -6.46
C VAL A 479 14.42 20.06 -6.07
N GLU A 480 15.05 20.60 -5.02
CA GLU A 480 14.71 21.95 -4.57
C GLU A 480 15.15 23.01 -5.57
N SER A 481 16.33 22.84 -6.18
CA SER A 481 16.75 23.76 -7.24
C SER A 481 15.79 23.71 -8.43
N SER A 482 15.35 22.50 -8.80
CA SER A 482 14.38 22.40 -9.89
C SER A 482 13.07 23.06 -9.51
N TRP A 483 12.67 22.96 -8.24
CA TRP A 483 11.46 23.65 -7.83
C TRP A 483 11.64 25.17 -7.94
N LYS A 484 12.84 25.67 -7.59
CA LYS A 484 13.09 27.10 -7.77
C LYS A 484 13.09 27.50 -9.25
N ASP A 485 13.56 26.61 -10.14
CA ASP A 485 13.47 26.87 -11.58
C ASP A 485 12.01 26.97 -12.02
N ILE A 486 11.15 26.12 -11.44
CA ILE A 486 9.74 26.13 -11.78
C ILE A 486 9.09 27.42 -11.30
N ASN A 487 9.47 27.90 -10.11
CA ASN A 487 8.89 29.14 -9.61
C ASN A 487 9.37 30.35 -10.40
N GLU A 488 10.64 30.35 -10.81
CA GLU A 488 11.10 31.41 -11.70
C GLU A 488 10.37 31.37 -13.03
N MET A 489 9.96 30.18 -13.47
CA MET A 489 9.21 30.08 -14.72
C MET A 489 7.88 30.83 -14.64
N MET A 490 7.32 30.97 -13.43
CA MET A 490 6.04 31.66 -13.27
C MET A 490 6.22 33.16 -12.97
N LEU A 491 7.39 33.70 -13.32
CA LEU A 491 7.64 35.15 -13.10
C LEU A 491 7.64 35.85 -14.46
N LYS A 492 7.06 37.05 -14.53
CA LYS A 492 6.97 37.80 -15.81
C LYS A 492 8.34 38.39 -16.18
N PRO A 493 8.70 38.49 -17.47
CA PRO A 493 7.82 38.10 -18.57
C PRO A 493 7.93 36.60 -18.83
N TYR A 494 6.82 36.01 -19.26
CA TYR A 494 6.68 34.55 -19.47
C TYR A 494 7.36 34.06 -20.75
N MET A 495 8.08 32.95 -20.68
CA MET A 495 8.69 32.41 -21.89
C MET A 495 7.64 32.03 -22.91
N MET A 496 6.67 31.23 -22.50
CA MET A 496 5.52 30.84 -23.29
C MET A 496 4.28 31.44 -22.65
N PRO A 497 3.13 31.38 -23.33
CA PRO A 497 1.88 31.82 -22.70
C PRO A 497 1.62 31.11 -21.37
N LYS A 498 1.06 31.86 -20.42
CA LYS A 498 0.81 31.32 -19.08
C LYS A 498 0.01 30.01 -19.08
N PRO A 499 -1.09 29.86 -19.87
CA PRO A 499 -1.81 28.57 -19.85
C PRO A 499 -0.92 27.38 -20.14
N LEU A 500 0.21 27.59 -20.85
CA LEU A 500 1.11 26.49 -21.14
C LEU A 500 2.10 26.23 -20.00
N LEU A 501 2.67 27.30 -19.42
CA LEU A 501 3.55 27.14 -18.27
C LEU A 501 2.82 26.51 -17.08
N THR A 502 1.54 26.84 -16.91
CA THR A 502 0.78 26.32 -15.78
C THR A 502 0.68 24.81 -15.82
N ARG A 503 0.62 24.23 -17.03
CA ARG A 503 0.62 22.77 -17.14
C ARG A 503 1.90 22.18 -16.56
N ILE A 504 3.04 22.80 -16.82
CA ILE A 504 4.30 22.26 -16.30
C ILE A 504 4.36 22.43 -14.78
N LEU A 505 3.98 23.60 -14.28
CA LEU A 505 3.88 23.78 -12.83
C LEU A 505 3.00 22.69 -12.19
N ASN A 506 1.84 22.42 -12.80
CA ASN A 506 0.95 21.41 -12.24
C ASN A 506 1.51 20.00 -12.36
N GLU A 507 2.28 19.71 -13.43
CA GLU A 507 2.93 18.40 -13.53
C GLU A 507 3.86 18.20 -12.34
N CYS A 508 4.61 19.24 -11.99
CA CYS A 508 5.46 19.17 -10.79
C CYS A 508 4.61 18.97 -9.52
N ARG A 509 3.47 19.66 -9.42
CA ARG A 509 2.63 19.54 -8.22
C ARG A 509 2.07 18.12 -8.07
N ILE A 510 1.55 17.54 -9.15
CA ILE A 510 0.98 16.21 -9.01
C ILE A 510 2.08 15.21 -8.65
N VAL A 511 3.30 15.42 -9.14
CA VAL A 511 4.38 14.56 -8.68
C VAL A 511 4.62 14.74 -7.16
N ASP A 512 4.60 15.98 -6.68
CA ASP A 512 4.80 16.15 -5.23
C ASP A 512 3.71 15.43 -4.45
N VAL A 513 2.52 15.26 -5.04
CA VAL A 513 1.45 14.59 -4.31
C VAL A 513 1.58 13.07 -4.36
N ILE A 514 1.94 12.51 -5.52
CA ILE A 514 1.93 11.06 -5.67
C ILE A 514 3.17 10.41 -5.07
N TYR A 515 4.33 11.07 -5.12
CA TYR A 515 5.58 10.49 -4.63
C TYR A 515 5.96 11.05 -3.28
N LYS A 516 4.97 11.28 -2.43
CA LYS A 516 5.20 11.78 -1.10
C LYS A 516 5.81 10.65 -0.28
N GLY A 517 7.14 10.49 -0.36
CA GLY A 517 7.83 9.44 0.34
C GLY A 517 8.48 9.96 1.61
N GLU A 518 8.35 9.17 2.67
CA GLU A 518 8.95 9.46 3.98
C GLU A 518 8.69 8.30 4.92
N TYR A 521 4.86 4.68 -0.20
CA TYR A 521 4.60 3.99 -1.46
C TYR A 521 4.50 4.99 -2.62
N THR A 522 4.20 4.51 -3.82
CA THR A 522 4.04 5.42 -4.96
C THR A 522 2.70 5.26 -5.68
N PHE A 523 2.44 4.09 -6.24
CA PHE A 523 1.17 3.83 -6.90
C PHE A 523 0.29 2.91 -6.07
N SER A 524 -1.01 2.99 -6.34
CA SER A 524 -2.05 2.09 -5.83
C SER A 524 -1.77 1.65 -4.39
N ASN A 525 -1.71 2.62 -3.49
CA ASN A 525 -1.61 2.34 -2.07
C ASN A 525 -2.77 3.05 -1.35
N THR A 526 -2.73 3.04 -0.02
CA THR A 526 -3.85 3.58 0.76
C THR A 526 -3.95 5.11 0.63
N THR A 527 -2.83 5.80 0.50
CA THR A 527 -2.87 7.25 0.29
C THR A 527 -3.46 7.59 -1.08
N MET A 528 -3.12 6.82 -2.11
CA MET A 528 -3.72 7.08 -3.41
C MET A 528 -5.22 6.82 -3.36
N LYS A 529 -5.63 5.71 -2.73
CA LYS A 529 -7.05 5.42 -2.58
C LYS A 529 -7.79 6.53 -1.85
N LYS A 530 -7.19 7.06 -0.77
CA LYS A 530 -7.86 8.15 -0.02
C LYS A 530 -7.89 9.44 -0.83
N ASN A 531 -6.80 9.75 -1.55
CA ASN A 531 -6.83 10.96 -2.38
C ASN A 531 -7.88 10.87 -3.48
N ILE A 532 -8.06 9.69 -4.09
CA ILE A 532 -9.14 9.53 -5.07
C ILE A 532 -10.50 9.66 -4.39
N SER A 533 -10.66 9.07 -3.21
CA SER A 533 -11.94 9.19 -2.47
C SER A 533 -12.29 10.64 -2.19
N HIS A 534 -11.27 11.47 -1.93
CA HIS A 534 -11.52 12.85 -1.53
C HIS A 534 -12.15 13.68 -2.64
N ILE A 535 -11.88 13.37 -3.90
CA ILE A 535 -12.33 14.26 -4.98
C ILE A 535 -13.20 13.56 -6.02
N LEU A 536 -13.40 12.24 -5.94
CA LEU A 536 -14.09 11.56 -7.02
C LEU A 536 -15.17 10.59 -6.56
N THR A 537 -15.50 10.53 -5.26
CA THR A 537 -16.63 9.70 -4.92
C THR A 537 -17.93 10.49 -4.68
N ASP A 538 -18.05 11.15 -3.51
CA ASP A 538 -19.34 11.75 -3.20
C ASP A 538 -19.30 13.26 -3.41
N PRO A 539 -20.44 13.88 -3.70
CA PRO A 539 -20.48 15.35 -3.73
C PRO A 539 -20.26 15.92 -2.33
N ILE A 540 -19.99 17.21 -2.28
CA ILE A 540 -19.87 17.90 -0.99
C ILE A 540 -21.29 18.17 -0.47
N PRO A 541 -21.59 17.76 0.77
CA PRO A 541 -22.94 17.99 1.30
C PRO A 541 -23.34 19.45 1.34
N ILE A 542 -24.62 19.68 1.04
CA ILE A 542 -25.33 20.98 1.04
C ILE A 542 -24.66 21.98 0.10
N GLY B 1 8.59 5.24 -13.77
CA GLY B 1 8.19 6.62 -13.68
C GLY B 1 6.68 6.73 -13.77
N ILE B 2 6.21 7.63 -14.63
CA ILE B 2 4.77 7.73 -14.85
C ILE B 2 4.29 6.45 -15.53
N ALA B 3 3.14 5.95 -15.07
CA ALA B 3 2.51 4.73 -15.55
C ALA B 3 3.32 3.49 -15.21
N SER B 4 4.27 3.59 -14.29
CA SER B 4 5.10 2.47 -13.88
C SER B 4 4.40 1.73 -12.75
N PHE B 5 3.89 0.54 -13.06
CA PHE B 5 3.24 -0.31 -12.06
C PHE B 5 4.09 -1.52 -11.73
N HIS B 6 5.41 -1.32 -11.61
CA HIS B 6 6.35 -2.41 -11.29
C HIS B 6 7.08 -2.11 -9.99
N PRO B 7 6.38 -2.15 -8.87
CA PRO B 7 7.06 -1.96 -7.58
C PRO B 7 8.01 -3.12 -7.30
N SER B 8 9.22 -2.79 -6.88
CA SER B 8 10.21 -3.76 -6.41
C SER B 8 10.75 -3.30 -5.06
N PRO B 9 9.96 -3.39 -4.01
CA PRO B 9 10.46 -2.90 -2.70
C PRO B 9 11.74 -3.58 -2.25
N TRP B 10 11.96 -4.86 -2.63
CA TRP B 10 13.09 -5.61 -2.10
C TRP B 10 14.22 -5.85 -3.09
N GLY B 11 13.96 -5.77 -4.38
CA GLY B 11 15.03 -5.99 -5.34
C GLY B 11 15.73 -7.30 -5.14
N ASP B 12 17.07 -7.28 -5.20
CA ASP B 12 17.89 -8.47 -5.08
C ASP B 12 18.43 -8.66 -3.66
N TYR B 13 17.82 -8.02 -2.65
CA TYR B 13 18.34 -8.08 -1.29
C TYR B 13 18.47 -9.51 -0.77
N PHE B 14 17.44 -10.31 -0.96
CA PHE B 14 17.47 -11.67 -0.44
C PHE B 14 18.32 -12.60 -1.32
N LEU B 15 18.44 -12.30 -2.61
CA LEU B 15 19.33 -13.10 -3.44
C LEU B 15 20.79 -12.86 -3.10
N LYS B 16 21.15 -11.67 -2.61
CA LYS B 16 22.54 -11.34 -2.36
C LYS B 16 23.00 -11.70 -0.96
N TYR B 17 22.15 -12.39 -0.19
CA TYR B 17 22.54 -12.81 1.16
C TYR B 17 23.80 -13.66 1.11
N VAL B 18 24.73 -13.38 2.02
CA VAL B 18 25.96 -14.15 2.14
C VAL B 18 25.95 -14.86 3.49
N PRO B 19 25.82 -16.18 3.51
CA PRO B 19 25.88 -16.91 4.79
C PRO B 19 27.27 -16.87 5.40
N CYS B 20 27.31 -17.15 6.70
CA CYS B 20 28.57 -17.30 7.42
C CYS B 20 29.18 -18.69 7.16
N ASP B 21 30.47 -18.81 7.45
CA ASP B 21 31.17 -20.07 7.21
C ASP B 21 30.77 -21.12 8.26
N GLN B 22 31.04 -22.39 7.93
CA GLN B 22 30.50 -23.49 8.71
C GLN B 22 31.04 -23.50 10.14
N VAL B 23 32.31 -23.14 10.31
CA VAL B 23 32.89 -23.08 11.66
C VAL B 23 32.20 -22.00 12.48
N THR B 24 31.95 -20.83 11.87
CA THR B 24 31.25 -19.75 12.56
C THR B 24 29.85 -20.16 12.96
N GLN B 25 29.12 -20.80 12.03
CA GLN B 25 27.75 -21.21 12.31
C GLN B 25 27.71 -22.24 13.43
N ALA B 26 28.70 -23.15 13.46
CA ALA B 26 28.76 -24.13 14.53
C ALA B 26 29.10 -23.47 15.87
N LYS B 27 29.92 -22.42 15.84
CA LYS B 27 30.22 -21.64 17.05
C LYS B 27 28.95 -21.04 17.63
N MET B 28 28.17 -20.34 16.79
CA MET B 28 26.95 -19.70 17.27
C MET B 28 25.93 -20.73 17.74
N GLU B 29 25.85 -21.87 17.05
CA GLU B 29 24.99 -22.96 17.48
C GLU B 29 25.36 -23.43 18.89
N ASP B 30 26.66 -23.62 19.15
CA ASP B 30 27.06 -24.10 20.47
C ASP B 30 26.79 -23.06 21.54
N GLU B 31 26.99 -21.77 21.23
CA GLU B 31 26.66 -20.72 22.20
C GLU B 31 25.19 -20.80 22.62
N VAL B 32 24.28 -20.85 21.64
CA VAL B 32 22.87 -20.88 21.99
C VAL B 32 22.51 -22.17 22.72
N LYS B 33 23.16 -23.28 22.38
CA LYS B 33 22.90 -24.54 23.07
C LYS B 33 23.33 -24.44 24.54
N LYS B 34 24.46 -23.77 24.79
CA LYS B 34 24.92 -23.54 26.16
C LYS B 34 23.89 -22.74 26.96
N VAL B 35 23.40 -21.64 26.40
CA VAL B 35 22.44 -20.86 27.18
C VAL B 35 21.11 -21.62 27.31
N GLU B 36 20.80 -22.50 26.35
CA GLU B 36 19.62 -23.35 26.51
C GLU B 36 19.76 -24.24 27.72
N GLU B 37 20.94 -24.83 27.90
CA GLU B 37 21.18 -25.63 29.10
C GLU B 37 21.09 -24.79 30.38
N ASP B 38 21.55 -23.53 30.32
CA ASP B 38 21.38 -22.64 31.47
C ASP B 38 19.90 -22.44 31.80
N VAL B 39 19.11 -22.08 30.80
CA VAL B 39 17.67 -21.89 30.97
C VAL B 39 17.02 -23.16 31.52
N LYS B 40 17.38 -24.32 30.96
CA LYS B 40 16.80 -25.58 31.41
C LYS B 40 17.14 -25.84 32.87
N LYS B 41 18.37 -25.55 33.29
CA LYS B 41 18.74 -25.72 34.70
C LYS B 41 17.89 -24.82 35.59
N GLU B 42 17.75 -23.55 35.21
CA GLU B 42 16.95 -22.64 36.00
C GLU B 42 15.49 -23.11 36.08
N LEU B 43 14.97 -23.66 34.99
CA LEU B 43 13.61 -24.18 34.99
C LEU B 43 13.47 -25.36 35.93
N ARG B 44 14.44 -26.28 35.90
CA ARG B 44 14.46 -27.37 36.86
C ARG B 44 14.45 -26.84 38.28
N LYS B 45 15.21 -25.76 38.53
CA LYS B 45 15.20 -25.11 39.84
C LYS B 45 13.78 -24.65 40.21
N LEU B 46 13.10 -23.97 39.29
CA LEU B 46 11.77 -23.47 39.60
C LEU B 46 10.76 -24.59 39.83
N ALA B 47 10.93 -25.74 39.16
CA ALA B 47 9.98 -26.82 39.34
C ALA B 47 10.12 -27.46 40.71
N LYS B 48 11.35 -27.74 41.14
CA LYS B 48 11.61 -28.29 42.47
C LYS B 48 11.70 -27.16 43.50
N ALA B 49 10.64 -26.37 43.57
CA ALA B 49 10.56 -25.33 44.59
C ALA B 49 9.14 -25.29 45.13
N VAL B 50 9.04 -25.30 46.46
CA VAL B 50 7.76 -25.42 47.16
C VAL B 50 7.10 -24.05 47.23
N GLY B 51 5.82 -23.98 46.89
CA GLY B 51 5.06 -22.76 47.00
C GLY B 51 5.63 -21.53 46.31
N LYS B 52 6.04 -21.69 45.05
CA LYS B 52 6.42 -20.57 44.19
C LYS B 52 5.72 -20.64 42.84
N PRO B 53 4.38 -20.66 42.84
CA PRO B 53 3.66 -20.75 41.56
C PRO B 53 3.96 -19.62 40.57
N LEU B 54 3.97 -18.38 41.04
CA LEU B 54 4.05 -17.24 40.12
C LEU B 54 5.39 -17.18 39.40
N GLU B 55 6.49 -17.52 40.07
CA GLU B 55 7.79 -17.49 39.41
C GLU B 55 7.86 -18.51 38.28
N LEU B 56 7.33 -19.71 38.48
CA LEU B 56 7.35 -20.74 37.45
C LEU B 56 6.40 -20.39 36.30
N LEU B 57 5.19 -19.91 36.64
CA LEU B 57 4.25 -19.47 35.62
C LEU B 57 4.89 -18.43 34.71
N ASN B 58 5.54 -17.43 35.32
CA ASN B 58 6.14 -16.36 34.53
C ASN B 58 7.30 -16.88 33.69
N PHE B 59 8.11 -17.78 34.25
CA PHE B 59 9.24 -18.30 33.49
C PHE B 59 8.75 -19.02 32.23
N ILE B 60 7.73 -19.87 32.38
CA ILE B 60 7.18 -20.57 31.22
C ILE B 60 6.60 -19.59 30.22
N ASP B 61 5.80 -18.64 30.71
CA ASP B 61 5.20 -17.66 29.81
C ASP B 61 6.27 -16.91 29.02
N VAL B 62 7.37 -16.53 29.67
CA VAL B 62 8.38 -15.71 29.02
C VAL B 62 9.16 -16.53 27.99
N VAL B 63 9.55 -17.76 28.34
CA VAL B 63 10.28 -18.54 27.33
C VAL B 63 9.40 -18.81 26.12
N GLU B 64 8.08 -18.96 26.33
CA GLU B 64 7.18 -19.15 25.19
C GLU B 64 7.07 -17.89 24.34
N ARG B 65 6.86 -16.74 24.97
CA ARG B 65 6.64 -15.52 24.19
C ARG B 65 7.93 -14.97 23.62
N LEU B 66 9.09 -15.42 24.12
CA LEU B 66 10.36 -15.10 23.48
C LEU B 66 10.60 -15.92 22.23
N GLY B 67 9.75 -16.92 21.96
CA GLY B 67 9.87 -17.70 20.75
C GLY B 67 10.85 -18.84 20.79
N VAL B 68 11.21 -19.31 21.98
CA VAL B 68 12.15 -20.40 22.15
C VAL B 68 11.55 -21.54 22.95
N GLY B 69 10.23 -21.53 23.16
CA GLY B 69 9.63 -22.67 23.84
C GLY B 69 9.77 -23.95 23.03
N TYR B 70 10.05 -23.84 21.73
CA TYR B 70 10.25 -25.06 20.95
C TYR B 70 11.55 -25.74 21.33
N ARG B 71 12.53 -25.00 21.84
CA ARG B 71 13.73 -25.65 22.35
C ARG B 71 13.51 -26.28 23.71
N LEU B 72 12.33 -26.13 24.29
CA LEU B 72 12.04 -26.73 25.59
C LEU B 72 10.68 -27.41 25.58
N GLU B 73 10.21 -27.82 24.39
CA GLU B 73 8.82 -28.24 24.20
C GLU B 73 8.41 -29.25 25.25
N GLN B 74 9.05 -30.41 25.26
CA GLN B 74 8.66 -31.46 26.19
C GLN B 74 8.74 -30.95 27.62
N GLU B 75 9.86 -30.31 27.97
CA GLU B 75 10.08 -29.85 29.33
C GLU B 75 8.96 -28.91 29.77
N ILE B 76 8.47 -28.08 28.84
CA ILE B 76 7.41 -27.16 29.23
C ILE B 76 6.09 -27.92 29.37
N GLU B 77 5.80 -28.81 28.42
CA GLU B 77 4.51 -29.49 28.44
C GLU B 77 4.35 -30.24 29.76
N ASP B 78 5.37 -31.02 30.14
CA ASP B 78 5.34 -31.74 31.40
C ASP B 78 5.00 -30.80 32.55
N LEU B 79 5.69 -29.68 32.62
CA LEU B 79 5.46 -28.73 33.71
C LEU B 79 4.01 -28.27 33.73
N VAL B 80 3.49 -27.89 32.56
CA VAL B 80 2.11 -27.41 32.53
C VAL B 80 1.17 -28.53 32.94
N GLN B 81 1.47 -29.76 32.50
CA GLN B 81 0.64 -30.87 32.93
C GLN B 81 0.68 -31.02 34.44
N ALA B 82 1.87 -30.92 35.02
CA ALA B 82 1.97 -30.99 36.48
C ALA B 82 1.12 -29.90 37.11
N ILE B 83 1.11 -28.70 36.53
CA ILE B 83 0.32 -27.62 37.11
C ILE B 83 -1.16 -27.98 37.07
N PHE B 84 -1.60 -28.62 35.99
CA PHE B 84 -3.03 -28.92 35.86
C PHE B 84 -3.45 -29.97 36.88
N ASP B 85 -2.52 -30.84 37.29
CA ASP B 85 -2.76 -31.91 38.25
C ASP B 85 -2.62 -31.48 39.70
N ASN B 86 -1.96 -30.34 39.96
CA ASN B 86 -1.65 -29.93 41.33
C ASN B 86 -2.91 -29.79 42.18
N ASP B 87 -3.88 -29.00 41.71
CA ASP B 87 -5.17 -28.81 42.39
C ASP B 87 -5.00 -28.04 43.71
N LYS B 88 -3.76 -27.82 44.12
CA LYS B 88 -3.39 -27.01 45.27
C LYS B 88 -2.34 -26.01 44.84
N PHE B 89 -2.47 -25.54 43.60
CA PHE B 89 -1.51 -24.64 43.01
C PHE B 89 -1.64 -23.24 43.56
N GLY B 90 -2.80 -22.89 44.10
CA GLY B 90 -3.01 -21.61 44.74
C GLY B 90 -3.63 -20.58 43.84
N VAL B 91 -4.25 -21.01 42.73
CA VAL B 91 -4.81 -20.10 41.74
C VAL B 91 -5.90 -19.22 42.35
N ASP B 92 -6.53 -19.70 43.43
CA ASP B 92 -7.60 -18.98 44.08
C ASP B 92 -7.12 -17.62 44.62
N GLU B 93 -5.81 -17.46 44.78
CA GLU B 93 -5.25 -16.25 45.39
C GLU B 93 -4.50 -15.36 44.40
N PHE B 94 -4.53 -15.66 43.09
CA PHE B 94 -3.81 -14.83 42.14
C PHE B 94 -4.60 -13.57 41.82
N ASP B 95 -3.87 -12.50 41.47
CA ASP B 95 -4.49 -11.26 40.99
C ASP B 95 -4.94 -11.45 39.53
N LEU B 96 -5.38 -10.36 38.89
CA LEU B 96 -5.95 -10.47 37.56
C LEU B 96 -4.91 -10.98 36.56
N TYR B 97 -3.71 -10.40 36.57
CA TYR B 97 -2.71 -10.78 35.58
C TYR B 97 -2.35 -12.26 35.70
N HIS B 98 -2.13 -12.73 36.94
CA HIS B 98 -1.67 -14.10 37.10
C HIS B 98 -2.80 -15.12 37.00
N THR B 99 -4.02 -14.75 37.36
CA THR B 99 -5.16 -15.61 37.06
C THR B 99 -5.33 -15.75 35.55
N SER B 100 -5.18 -14.63 34.83
CA SER B 100 -5.28 -14.65 33.38
C SER B 100 -4.16 -15.47 32.76
N LEU B 101 -2.95 -15.38 33.32
CA LEU B 101 -1.81 -16.13 32.80
C LEU B 101 -2.01 -17.62 32.99
N TRP B 102 -2.43 -18.03 34.19
CA TRP B 102 -2.69 -19.44 34.47
C TRP B 102 -3.76 -19.98 33.53
N PHE B 103 -4.85 -19.23 33.37
CA PHE B 103 -5.94 -19.68 32.52
C PHE B 103 -5.49 -19.81 31.07
N ARG B 104 -4.86 -18.76 30.51
CA ARG B 104 -4.45 -18.78 29.12
C ARG B 104 -3.44 -19.88 28.84
N LEU B 105 -2.39 -19.99 29.66
CA LEU B 105 -1.38 -21.03 29.49
C LEU B 105 -1.99 -22.42 29.48
N LEU B 106 -2.89 -22.69 30.44
CA LEU B 106 -3.47 -24.03 30.45
C LEU B 106 -4.34 -24.27 29.23
N ARG B 107 -5.12 -23.26 28.81
CA ARG B 107 -5.97 -23.43 27.64
C ARG B 107 -5.14 -23.66 26.38
N GLN B 108 -4.01 -22.98 26.27
CA GLN B 108 -3.16 -23.11 25.09
C GLN B 108 -2.52 -24.49 25.01
N HIS B 109 -2.43 -25.19 26.14
CA HIS B 109 -1.83 -26.50 26.18
C HIS B 109 -2.86 -27.63 26.27
N GLY B 110 -4.12 -27.34 25.94
CA GLY B 110 -5.14 -28.36 25.80
C GLY B 110 -6.00 -28.62 27.03
N PHE B 111 -5.73 -27.97 28.17
CA PHE B 111 -6.46 -28.25 29.41
C PHE B 111 -7.67 -27.34 29.53
N HIS B 112 -8.86 -27.96 29.55
CA HIS B 112 -10.11 -27.22 29.46
C HIS B 112 -10.52 -26.66 30.82
N VAL B 113 -9.66 -25.77 31.35
CA VAL B 113 -9.93 -25.17 32.65
C VAL B 113 -11.08 -24.17 32.56
N SER B 114 -11.75 -23.96 33.69
CA SER B 114 -13.04 -23.29 33.74
C SER B 114 -12.88 -21.78 33.83
N CYS B 115 -13.89 -21.07 33.32
CA CYS B 115 -13.95 -19.62 33.44
C CYS B 115 -14.32 -19.16 34.85
N ASP B 116 -14.73 -20.09 35.71
CA ASP B 116 -15.14 -19.73 37.07
C ASP B 116 -13.99 -19.09 37.84
N VAL B 117 -12.76 -19.30 37.39
CA VAL B 117 -11.60 -18.71 38.02
C VAL B 117 -11.63 -17.19 37.96
N PHE B 118 -12.47 -16.62 37.10
CA PHE B 118 -12.61 -15.17 36.99
C PHE B 118 -13.75 -14.62 37.85
N GLY B 119 -14.47 -15.47 38.58
CA GLY B 119 -15.61 -15.01 39.34
C GLY B 119 -15.26 -13.93 40.35
N LYS B 120 -14.10 -14.05 41.00
CA LYS B 120 -13.74 -13.08 42.01
C LYS B 120 -13.43 -11.70 41.43
N PHE B 121 -13.43 -11.53 40.11
CA PHE B 121 -13.18 -10.23 39.52
C PHE B 121 -14.44 -9.55 39.03
N LYS B 122 -15.61 -10.13 39.29
CA LYS B 122 -16.89 -9.56 38.90
C LYS B 122 -17.58 -8.90 40.09
N GLY B 123 -18.45 -7.94 39.80
CA GLY B 123 -19.25 -7.29 40.81
C GLY B 123 -20.62 -7.92 40.95
N ARG B 124 -21.48 -7.23 41.71
CA ARG B 124 -22.84 -7.72 41.90
C ARG B 124 -23.61 -7.75 40.59
N ASN B 125 -23.25 -6.88 39.65
CA ASN B 125 -23.89 -6.87 38.33
C ASN B 125 -23.61 -8.12 37.51
N GLY B 126 -22.58 -8.90 37.87
CA GLY B 126 -22.15 -9.99 37.03
C GLY B 126 -21.16 -9.59 35.97
N ARG B 127 -20.71 -8.34 36.00
CA ARG B 127 -19.74 -7.79 35.07
C ARG B 127 -18.42 -7.54 35.79
N PHE B 128 -17.35 -7.42 35.02
CA PHE B 128 -16.04 -7.18 35.62
C PHE B 128 -16.02 -5.82 36.30
N LYS B 129 -15.36 -5.73 37.46
CA LYS B 129 -15.30 -4.50 38.24
C LYS B 129 -14.57 -3.40 37.46
N ASP B 130 -15.25 -2.29 37.20
CA ASP B 130 -14.55 -1.19 36.54
C ASP B 130 -13.39 -0.66 37.38
N SER B 131 -13.41 -0.90 38.69
CA SER B 131 -12.30 -0.47 39.53
C SER B 131 -11.00 -1.14 39.14
N LEU B 132 -11.06 -2.30 38.49
CA LEU B 132 -9.86 -2.99 38.02
C LEU B 132 -9.13 -2.24 36.90
N ALA B 133 -9.74 -1.20 36.32
CA ALA B 133 -9.09 -0.56 35.17
C ALA B 133 -7.75 0.08 35.53
N SER B 134 -7.52 0.36 36.82
CA SER B 134 -6.25 0.92 37.25
C SER B 134 -5.13 -0.10 37.23
N ASP B 135 -5.45 -1.40 37.17
CA ASP B 135 -4.43 -2.44 37.06
C ASP B 135 -4.18 -2.71 35.57
N VAL B 136 -3.48 -1.77 34.94
CA VAL B 136 -3.25 -1.84 33.48
C VAL B 136 -2.67 -3.20 33.09
N LYS B 137 -1.64 -3.63 33.81
CA LYS B 137 -1.00 -4.92 33.55
C LYS B 137 -2.02 -6.06 33.56
N GLY B 138 -2.89 -6.09 34.58
CA GLY B 138 -3.87 -7.16 34.66
C GLY B 138 -4.95 -7.09 33.59
N ILE B 139 -5.36 -5.88 33.22
CA ILE B 139 -6.32 -5.68 32.14
C ILE B 139 -5.74 -6.19 30.82
N LEU B 140 -4.46 -5.92 30.58
CA LEU B 140 -3.80 -6.41 29.38
C LEU B 140 -3.74 -7.92 29.39
N GLY B 141 -3.40 -8.52 30.53
CA GLY B 141 -3.34 -9.97 30.61
C GLY B 141 -4.69 -10.63 30.36
N LEU B 142 -5.76 -10.03 30.89
CA LEU B 142 -7.09 -10.58 30.63
C LEU B 142 -7.45 -10.42 29.16
N TYR B 143 -7.14 -9.27 28.57
CA TYR B 143 -7.36 -9.08 27.16
C TYR B 143 -6.70 -10.20 26.36
N GLU B 144 -5.43 -10.49 26.66
CA GLU B 144 -4.71 -11.51 25.91
C GLU B 144 -5.34 -12.89 26.11
N ALA B 145 -5.76 -13.19 27.35
CA ALA B 145 -6.35 -14.49 27.66
C ALA B 145 -7.69 -14.67 26.98
N SER B 146 -8.38 -13.58 26.70
CA SER B 146 -9.74 -13.75 26.20
C SER B 146 -9.80 -14.30 24.79
N HIS B 147 -8.71 -14.29 24.02
CA HIS B 147 -8.75 -14.73 22.63
C HIS B 147 -8.54 -16.23 22.49
N VAL B 148 -8.46 -16.98 23.59
CA VAL B 148 -8.43 -18.43 23.51
C VAL B 148 -9.83 -18.97 23.69
N ARG B 149 -10.82 -18.08 23.76
CA ARG B 149 -12.16 -18.50 24.15
C ARG B 149 -12.77 -19.46 23.13
N THR B 150 -13.58 -20.39 23.63
CA THR B 150 -14.31 -21.38 22.84
C THR B 150 -15.80 -21.13 23.03
N HIS B 151 -16.61 -22.04 22.49
CA HIS B 151 -18.05 -22.00 22.73
C HIS B 151 -18.31 -22.29 24.20
N GLY B 152 -19.18 -21.49 24.81
CA GLY B 152 -19.44 -21.64 26.23
C GLY B 152 -18.55 -20.82 27.13
N ASP B 153 -17.77 -19.89 26.57
CA ASP B 153 -16.91 -19.04 27.37
C ASP B 153 -17.45 -17.61 27.41
N ASP B 154 -18.75 -17.47 27.74
CA ASP B 154 -19.38 -16.16 27.74
C ASP B 154 -18.62 -15.15 28.60
N THR B 155 -17.96 -15.64 29.65
CA THR B 155 -17.13 -14.77 30.47
C THR B 155 -16.02 -14.11 29.66
N LEU B 156 -15.34 -14.88 28.80
CA LEU B 156 -14.28 -14.30 27.99
C LEU B 156 -14.83 -13.37 26.91
N ASP B 157 -16.03 -13.66 26.39
CA ASP B 157 -16.66 -12.74 25.44
C ASP B 157 -16.88 -11.37 26.09
N GLU B 158 -17.34 -11.37 27.35
CA GLU B 158 -17.51 -10.10 28.06
C GLU B 158 -16.16 -9.47 28.43
N ALA B 159 -15.18 -10.31 28.75
CA ALA B 159 -13.85 -9.80 29.07
C ALA B 159 -13.23 -9.05 27.90
N LEU B 160 -13.49 -9.50 26.66
CA LEU B 160 -12.91 -8.79 25.51
C LEU B 160 -13.49 -7.38 25.38
N VAL B 161 -14.81 -7.24 25.53
CA VAL B 161 -15.43 -5.91 25.49
C VAL B 161 -14.91 -5.03 26.62
N PHE B 162 -14.87 -5.57 27.83
CA PHE B 162 -14.46 -4.80 29.02
C PHE B 162 -13.01 -4.30 28.89
N THR B 163 -12.07 -5.22 28.62
CA THR B 163 -10.67 -4.85 28.53
C THR B 163 -10.42 -3.95 27.32
N THR B 164 -11.11 -4.18 26.20
CA THR B 164 -10.92 -3.31 25.04
C THR B 164 -11.29 -1.87 25.39
N THR B 165 -12.44 -1.67 26.03
CA THR B 165 -12.85 -0.33 26.43
C THR B 165 -11.79 0.34 27.30
N HIS B 166 -11.32 -0.37 28.35
CA HIS B 166 -10.38 0.25 29.28
C HIS B 166 -8.99 0.41 28.69
N LEU B 167 -8.54 -0.52 27.82
CA LEU B 167 -7.24 -0.37 27.21
C LEU B 167 -7.23 0.78 26.22
N LYS B 168 -8.32 0.94 25.45
CA LYS B 168 -8.43 2.11 24.60
C LYS B 168 -8.37 3.39 25.41
N ALA B 169 -9.00 3.42 26.61
CA ALA B 169 -8.92 4.62 27.46
C ALA B 169 -7.49 4.86 27.96
N VAL B 170 -6.76 3.80 28.29
CA VAL B 170 -5.36 3.99 28.66
C VAL B 170 -4.56 4.59 27.51
N VAL B 171 -4.81 4.15 26.28
CA VAL B 171 -4.09 4.70 25.13
C VAL B 171 -4.42 6.19 24.96
N THR B 172 -5.67 6.57 25.18
CA THR B 172 -6.03 7.94 24.87
C THR B 172 -5.75 8.91 26.02
N ASN B 173 -6.00 8.52 27.27
CA ASN B 173 -5.85 9.38 28.45
C ASN B 173 -4.48 9.27 29.13
N GLN B 174 -3.75 8.17 28.93
CA GLN B 174 -2.44 7.97 29.53
C GLN B 174 -1.40 7.66 28.45
N PRO B 175 -1.23 8.56 27.46
CA PRO B 175 -0.29 8.30 26.35
C PRO B 175 1.11 7.92 26.79
N ASN B 176 1.55 8.41 27.95
CA ASN B 176 2.92 8.26 28.42
C ASN B 176 3.05 7.14 29.43
N HIS B 177 2.01 6.34 29.64
CA HIS B 177 2.10 5.22 30.54
C HIS B 177 3.13 4.22 29.99
N PRO B 178 3.97 3.64 30.84
CA PRO B 178 5.04 2.75 30.34
C PRO B 178 4.57 1.53 29.55
N LEU B 179 3.30 1.14 29.66
CA LEU B 179 2.76 -0.01 28.94
C LEU B 179 2.06 0.38 27.67
N VAL B 180 2.02 1.66 27.32
CA VAL B 180 1.29 2.10 26.14
C VAL B 180 1.80 1.42 24.86
N PRO B 181 3.12 1.30 24.61
CA PRO B 181 3.54 0.53 23.42
C PRO B 181 2.96 -0.88 23.36
N GLN B 182 3.00 -1.59 24.50
CA GLN B 182 2.48 -2.96 24.53
C GLN B 182 0.97 -2.97 24.36
N VAL B 183 0.26 -2.01 24.97
CA VAL B 183 -1.19 -1.99 24.86
C VAL B 183 -1.62 -1.69 23.42
N THR B 184 -1.02 -0.68 22.81
CA THR B 184 -1.29 -0.32 21.41
C THR B 184 -1.03 -1.50 20.48
N HIS B 185 0.08 -2.20 20.68
CA HIS B 185 0.37 -3.36 19.86
C HIS B 185 -0.65 -4.46 20.10
N ALA B 186 -1.01 -4.71 21.36
CA ALA B 186 -1.95 -5.78 21.66
C ALA B 186 -3.33 -5.48 21.08
N LEU B 187 -3.74 -4.21 21.13
CA LEU B 187 -5.01 -3.81 20.55
C LEU B 187 -4.99 -4.01 19.04
N MET B 188 -3.83 -3.84 18.40
CA MET B 188 -3.79 -4.15 16.97
C MET B 188 -3.64 -5.66 16.74
N GLN B 189 -2.88 -6.35 17.56
CA GLN B 189 -2.58 -7.77 17.36
C GLN B 189 -2.50 -8.54 18.67
N PRO B 190 -3.55 -9.25 19.04
CA PRO B 190 -3.45 -10.19 20.17
C PRO B 190 -2.35 -11.22 19.93
N TYR B 191 -1.59 -11.54 20.99
CA TYR B 191 -0.49 -12.49 20.86
C TYR B 191 -0.99 -13.84 20.35
N HIS B 192 -2.07 -14.32 20.95
CA HIS B 192 -2.58 -15.65 20.63
C HIS B 192 -3.02 -15.77 19.17
N LYS B 193 -3.29 -14.66 18.50
CA LYS B 193 -3.80 -14.67 17.13
C LYS B 193 -2.74 -14.23 16.14
N GLY B 194 -1.54 -13.93 16.60
CA GLY B 194 -0.51 -13.41 15.73
C GLY B 194 0.40 -14.48 15.18
N MET B 195 1.24 -14.07 14.28
CA MET B 195 2.26 -14.95 13.72
C MET B 195 3.32 -15.17 14.79
N PRO B 196 3.57 -16.41 15.24
CA PRO B 196 4.55 -16.61 16.33
C PRO B 196 5.91 -15.96 16.11
N ARG B 197 6.48 -16.06 14.90
CA ARG B 197 7.81 -15.49 14.68
C ARG B 197 7.79 -13.97 14.88
N LEU B 198 6.78 -13.32 14.31
CA LEU B 198 6.72 -11.87 14.38
C LEU B 198 6.38 -11.38 15.80
N GLU B 199 5.46 -12.07 16.48
CA GLU B 199 5.08 -11.63 17.84
C GLU B 199 6.19 -11.88 18.85
N SER B 200 6.97 -12.95 18.66
CA SER B 200 8.12 -13.17 19.52
C SER B 200 9.18 -12.11 19.27
N ARG B 201 9.34 -11.63 18.04
CA ARG B 201 10.26 -10.51 17.83
C ARG B 201 9.81 -9.28 18.62
N HIS B 202 8.52 -8.95 18.53
CA HIS B 202 8.06 -7.76 19.24
C HIS B 202 8.19 -7.93 20.75
N PHE B 203 7.93 -9.13 21.25
CA PHE B 203 8.05 -9.36 22.68
C PHE B 203 9.50 -9.29 23.14
N ILE B 204 10.46 -9.69 22.29
CA ILE B 204 11.87 -9.53 22.64
C ILE B 204 12.16 -8.05 22.91
N ALA B 205 11.67 -7.19 22.03
CA ALA B 205 11.88 -5.77 22.26
C ALA B 205 11.17 -5.28 23.54
N PHE B 206 9.93 -5.71 23.77
CA PHE B 206 9.21 -5.31 24.99
C PHE B 206 9.93 -5.78 26.24
N TYR B 207 10.30 -7.06 26.27
CA TYR B 207 10.90 -7.66 27.45
C TYR B 207 12.18 -6.95 27.85
N GLU B 208 12.99 -6.52 26.87
CA GLU B 208 14.20 -5.80 27.26
C GLU B 208 13.88 -4.53 28.05
N LYS B 209 12.70 -3.94 27.82
CA LYS B 209 12.35 -2.72 28.51
C LYS B 209 11.73 -2.96 29.89
N ASP B 210 11.50 -4.19 30.28
CA ASP B 210 10.99 -4.48 31.63
C ASP B 210 12.14 -4.47 32.62
N PRO B 211 12.13 -3.58 33.63
CA PRO B 211 13.22 -3.55 34.61
C PRO B 211 13.45 -4.86 35.34
N TYR B 212 12.48 -5.77 35.37
CA TYR B 212 12.63 -7.01 36.09
C TYR B 212 12.89 -8.21 35.18
N HIS B 213 13.40 -7.99 33.98
CA HIS B 213 13.56 -9.09 33.05
C HIS B 213 14.78 -9.93 33.41
N ASP B 214 14.69 -11.24 33.15
CA ASP B 214 15.81 -12.15 33.36
C ASP B 214 16.79 -11.97 32.19
N LYS B 215 18.02 -11.53 32.50
CA LYS B 215 18.97 -11.20 31.44
C LYS B 215 19.32 -12.43 30.61
N THR B 216 19.36 -13.61 31.24
CA THR B 216 19.74 -14.82 30.52
C THR B 216 18.62 -15.26 29.58
N LEU B 217 17.36 -15.09 29.99
CA LEU B 217 16.24 -15.40 29.10
C LEU B 217 16.25 -14.49 27.89
N LEU B 218 16.51 -13.20 28.12
CA LEU B 218 16.55 -12.28 27.00
C LEU B 218 17.68 -12.66 26.05
N LYS B 219 18.85 -13.03 26.59
CA LYS B 219 19.94 -13.43 25.72
C LYS B 219 19.60 -14.72 24.95
N PHE B 220 18.90 -15.65 25.60
CA PHE B 220 18.47 -16.87 24.94
C PHE B 220 17.58 -16.56 23.75
N GLY B 221 16.59 -15.70 23.95
CA GLY B 221 15.68 -15.34 22.87
C GLY B 221 16.37 -14.59 21.75
N LYS B 222 17.25 -13.65 22.10
CA LYS B 222 17.96 -12.87 21.09
C LYS B 222 18.88 -13.76 20.26
N LEU B 223 19.65 -14.61 20.93
CA LEU B 223 20.63 -15.42 20.22
C LEU B 223 19.92 -16.44 19.32
N ASP B 224 18.87 -17.11 19.83
CA ASP B 224 18.13 -18.06 19.01
C ASP B 224 17.43 -17.37 17.85
N PHE B 225 16.94 -16.15 18.08
CA PHE B 225 16.32 -15.43 16.98
C PHE B 225 17.32 -15.17 15.87
N ASN B 226 18.54 -14.75 16.21
CA ASN B 226 19.51 -14.46 15.15
C ASN B 226 19.94 -15.74 14.45
N LEU B 227 20.06 -16.83 15.20
CA LEU B 227 20.42 -18.11 14.60
C LEU B 227 19.35 -18.57 13.60
N VAL B 228 18.07 -18.53 14.01
CA VAL B 228 16.99 -18.98 13.13
C VAL B 228 16.81 -18.02 11.96
N GLN B 229 17.09 -16.74 12.18
CA GLN B 229 16.99 -15.80 11.08
C GLN B 229 18.03 -16.09 10.00
N ALA B 230 19.23 -16.59 10.38
CA ALA B 230 20.19 -16.98 9.35
C ALA B 230 19.66 -18.12 8.49
N LEU B 231 18.97 -19.09 9.10
CA LEU B 231 18.36 -20.18 8.35
C LEU B 231 17.30 -19.66 7.40
N HIS B 232 16.43 -18.76 7.89
CA HIS B 232 15.41 -18.20 7.01
C HIS B 232 16.04 -17.52 5.82
N LYS B 233 17.10 -16.73 6.05
CA LYS B 233 17.68 -16.00 4.93
C LYS B 233 18.40 -16.92 3.94
N LYS B 234 19.00 -18.01 4.39
CA LYS B 234 19.56 -18.98 3.44
C LYS B 234 18.45 -19.63 2.60
N GLU B 235 17.37 -20.06 3.28
CA GLU B 235 16.25 -20.68 2.58
C GLU B 235 15.66 -19.74 1.56
N LEU B 236 15.47 -18.48 1.94
CA LEU B 236 14.86 -17.49 1.07
C LEU B 236 15.77 -17.13 -0.08
N LYS B 237 17.09 -17.15 0.12
CA LYS B 237 17.98 -16.99 -1.01
C LYS B 237 17.77 -18.11 -2.03
N ASP B 238 17.73 -19.37 -1.56
CA ASP B 238 17.55 -20.49 -2.48
C ASP B 238 16.18 -20.43 -3.17
N LEU B 239 15.11 -20.23 -2.39
CA LEU B 239 13.77 -20.20 -2.95
C LEU B 239 13.58 -18.99 -3.88
N SER B 240 14.26 -17.88 -3.62
CA SER B 240 14.23 -16.77 -4.56
C SER B 240 14.83 -17.19 -5.89
N ARG B 241 15.93 -17.96 -5.85
CA ARG B 241 16.53 -18.48 -7.07
CA ARG B 241 16.52 -18.47 -7.08
C ARG B 241 15.52 -19.32 -7.85
N TRP B 242 14.89 -20.29 -7.17
CA TRP B 242 13.91 -21.15 -7.81
C TRP B 242 12.75 -20.33 -8.40
N TRP B 243 12.23 -19.38 -7.62
CA TRP B 243 11.09 -18.58 -8.05
C TRP B 243 11.44 -17.73 -9.27
N LYS B 244 12.61 -17.10 -9.27
CA LYS B 244 13.03 -16.31 -10.41
C LYS B 244 13.21 -17.18 -11.66
N ASP B 245 13.78 -18.38 -11.48
CA ASP B 245 13.95 -19.31 -12.60
C ASP B 245 12.59 -19.71 -13.20
N LEU B 246 11.60 -19.96 -12.35
CA LEU B 246 10.26 -20.27 -12.84
C LEU B 246 9.67 -19.09 -13.62
N ASP B 247 9.77 -17.87 -13.05
CA ASP B 247 9.23 -16.67 -13.70
C ASP B 247 9.86 -16.39 -15.05
N MET B 248 11.14 -16.71 -15.22
CA MET B 248 11.76 -16.40 -16.51
C MET B 248 11.29 -17.32 -17.63
N HIS B 249 10.43 -18.31 -17.32
CA HIS B 249 9.80 -19.12 -18.36
C HIS B 249 8.81 -18.32 -19.20
N ALA B 250 8.14 -17.35 -18.60
CA ALA B 250 7.19 -16.52 -19.32
C ALA B 250 7.87 -15.29 -19.90
N LYS B 251 7.36 -14.83 -21.05
CA LYS B 251 7.84 -13.57 -21.61
C LYS B 251 7.29 -12.39 -20.83
N MET B 252 5.94 -12.29 -20.72
CA MET B 252 5.29 -11.25 -19.95
C MET B 252 5.26 -11.64 -18.47
N PRO B 253 5.45 -10.68 -17.56
CA PRO B 253 5.47 -11.01 -16.13
C PRO B 253 4.09 -11.39 -15.57
N PHE B 254 4.09 -12.39 -14.68
CA PHE B 254 2.93 -12.68 -13.83
C PHE B 254 2.81 -11.63 -12.69
N PRO B 255 1.61 -11.45 -12.12
CA PRO B 255 1.48 -10.53 -10.96
C PRO B 255 2.38 -10.88 -9.78
N SER B 256 2.69 -12.16 -9.59
CA SER B 256 3.50 -12.67 -8.50
C SER B 256 4.99 -12.67 -8.81
N ARG B 257 5.44 -11.88 -9.79
CA ARG B 257 6.82 -11.99 -10.26
C ARG B 257 7.84 -11.66 -9.16
N ASP B 258 7.70 -10.52 -8.50
CA ASP B 258 8.70 -10.08 -7.51
C ASP B 258 8.25 -10.32 -6.08
N ARG B 259 7.38 -11.31 -5.86
CA ARG B 259 6.67 -11.48 -4.61
C ARG B 259 7.17 -12.67 -3.78
N VAL B 260 8.39 -13.12 -4.00
CA VAL B 260 8.97 -14.14 -3.12
C VAL B 260 8.99 -13.69 -1.66
N PRO B 261 9.35 -12.44 -1.31
CA PRO B 261 9.38 -12.09 0.12
C PRO B 261 8.01 -12.21 0.76
N GLU B 262 6.98 -11.71 0.11
CA GLU B 262 5.61 -11.81 0.64
C GLU B 262 5.15 -13.26 0.74
N GLY B 263 5.51 -14.07 -0.27
CA GLY B 263 5.18 -15.49 -0.23
C GLY B 263 5.91 -16.22 0.88
N TYR B 264 7.19 -15.91 1.07
CA TYR B 264 7.91 -16.56 2.16
C TYR B 264 7.41 -16.08 3.53
N PHE B 265 7.00 -14.81 3.66
CA PHE B 265 6.36 -14.36 4.89
C PHE B 265 5.17 -15.24 5.20
N TRP B 266 4.27 -15.40 4.21
CA TRP B 266 3.18 -16.34 4.38
CA TRP B 266 3.18 -16.36 4.30
C TRP B 266 3.67 -17.71 4.79
N THR B 267 4.76 -18.19 4.20
CA THR B 267 5.28 -19.50 4.50
C THR B 267 5.80 -19.63 5.93
N LEU B 268 6.28 -18.54 6.51
CA LEU B 268 6.73 -18.59 7.90
C LEU B 268 5.57 -18.69 8.88
N GLY B 269 4.34 -18.42 8.45
CA GLY B 269 3.20 -18.49 9.34
C GLY B 269 3.00 -19.84 9.99
N PRO B 270 2.79 -20.89 9.17
CA PRO B 270 2.60 -22.25 9.73
C PRO B 270 3.73 -22.75 10.59
N PHE B 271 4.98 -22.39 10.31
CA PHE B 271 6.15 -22.96 10.98
C PHE B 271 7.36 -22.06 10.73
N TYR B 272 8.08 -21.75 11.79
CA TYR B 272 9.31 -20.98 11.64
C TYR B 272 10.55 -21.68 12.14
N GLU B 273 10.42 -22.74 12.94
CA GLU B 273 11.53 -23.36 13.64
C GLU B 273 12.40 -24.20 12.69
N PRO B 274 13.66 -24.42 13.03
CA PRO B 274 14.60 -25.10 12.10
C PRO B 274 14.12 -26.41 11.48
N GLN B 275 13.30 -27.19 12.17
CA GLN B 275 12.98 -28.53 11.68
C GLN B 275 11.99 -28.54 10.52
N PHE B 276 11.50 -27.40 10.09
CA PHE B 276 10.46 -27.38 9.07
C PHE B 276 10.95 -26.76 7.77
N ALA B 277 12.26 -26.82 7.51
CA ALA B 277 12.79 -26.32 6.23
C ALA B 277 12.06 -26.94 5.06
N LEU B 278 11.96 -28.27 5.05
CA LEU B 278 11.30 -28.93 3.92
C LEU B 278 9.86 -28.47 3.80
N CYS B 279 9.15 -28.35 4.93
CA CYS B 279 7.79 -27.82 4.91
C CYS B 279 7.74 -26.48 4.21
N ARG B 280 8.63 -25.60 4.62
CA ARG B 280 8.66 -24.24 4.07
C ARG B 280 8.94 -24.29 2.57
N LYS B 281 9.84 -25.18 2.14
CA LYS B 281 10.11 -25.30 0.71
C LYS B 281 8.84 -25.71 -0.02
N PHE B 282 8.10 -26.67 0.52
CA PHE B 282 6.90 -27.11 -0.20
C PHE B 282 5.85 -26.02 -0.24
N PHE B 283 5.54 -25.43 0.92
CA PHE B 283 4.50 -24.43 1.00
C PHE B 283 4.80 -23.27 0.06
N LEU B 284 6.02 -22.75 0.12
CA LEU B 284 6.40 -21.64 -0.76
C LEU B 284 6.21 -22.05 -2.21
N GLN B 285 6.70 -23.23 -2.57
CA GLN B 285 6.65 -23.61 -3.98
C GLN B 285 5.19 -23.80 -4.41
N VAL B 286 4.37 -24.40 -3.54
CA VAL B 286 2.96 -24.53 -3.88
C VAL B 286 2.33 -23.16 -3.99
N PHE B 287 2.72 -22.26 -3.08
CA PHE B 287 2.20 -20.91 -3.12
C PHE B 287 2.42 -20.33 -4.52
N LYS B 288 3.64 -20.48 -5.03
CA LYS B 288 3.96 -19.87 -6.31
C LYS B 288 3.13 -20.52 -7.42
N VAL B 289 3.06 -21.85 -7.45
CA VAL B 289 2.31 -22.46 -8.55
C VAL B 289 0.83 -22.11 -8.42
N THR B 290 0.31 -22.06 -7.19
CA THR B 290 -1.07 -21.64 -7.01
C THR B 290 -1.29 -20.26 -7.62
N SER B 291 -0.34 -19.36 -7.39
CA SER B 291 -0.48 -18.02 -7.92
C SER B 291 -0.47 -18.04 -9.44
N ILE B 292 0.38 -18.89 -10.01
CA ILE B 292 0.44 -18.97 -11.46
C ILE B 292 -0.90 -19.48 -12.00
N VAL B 293 -1.48 -20.49 -11.36
CA VAL B 293 -2.71 -20.97 -11.98
C VAL B 293 -3.83 -19.98 -11.68
N ASP B 294 -3.72 -19.24 -10.58
CA ASP B 294 -4.75 -18.26 -10.29
C ASP B 294 -4.78 -17.23 -11.40
N ASP B 295 -3.59 -16.89 -11.96
CA ASP B 295 -3.55 -15.91 -13.04
C ASP B 295 -4.33 -16.40 -14.26
N ILE B 296 -4.23 -17.70 -14.56
CA ILE B 296 -4.94 -18.22 -15.73
C ILE B 296 -6.42 -17.98 -15.56
N TYR B 297 -6.95 -18.31 -14.38
CA TYR B 297 -8.39 -18.20 -14.26
C TYR B 297 -8.83 -16.75 -14.11
N ASP B 298 -7.91 -15.84 -13.88
CA ASP B 298 -8.25 -14.45 -13.70
C ASP B 298 -8.04 -13.63 -14.97
N ALA B 299 -7.51 -14.26 -16.02
CA ALA B 299 -7.21 -13.56 -17.26
C ALA B 299 -8.48 -13.45 -18.09
N TYR B 300 -8.37 -12.84 -19.26
CA TYR B 300 -9.54 -12.61 -20.12
C TYR B 300 -9.70 -13.73 -21.15
N GLY B 301 -9.57 -14.99 -20.71
CA GLY B 301 -9.76 -16.11 -21.61
C GLY B 301 -11.19 -16.59 -21.65
N THR B 302 -11.50 -17.42 -22.64
CA THR B 302 -12.89 -17.87 -22.75
C THR B 302 -13.19 -18.95 -21.72
N ILE B 303 -14.48 -19.13 -21.45
CA ILE B 303 -14.91 -20.19 -20.55
C ILE B 303 -14.60 -21.56 -21.14
N ASP B 304 -14.44 -21.65 -22.46
CA ASP B 304 -14.07 -22.93 -23.08
C ASP B 304 -12.60 -23.26 -22.78
N GLU B 305 -11.72 -22.24 -22.85
CA GLU B 305 -10.32 -22.44 -22.50
C GLU B 305 -10.14 -22.79 -21.01
N LEU B 306 -10.94 -22.20 -20.13
CA LEU B 306 -10.85 -22.57 -18.72
C LEU B 306 -11.37 -23.96 -18.47
N THR B 307 -12.41 -24.35 -19.23
CA THR B 307 -12.88 -25.73 -19.18
C THR B 307 -11.75 -26.68 -19.54
N ALA B 308 -11.04 -26.37 -20.63
CA ALA B 308 -9.92 -27.20 -21.05
C ALA B 308 -8.82 -27.26 -19.99
N PHE B 309 -8.47 -26.11 -19.41
CA PHE B 309 -7.39 -26.13 -18.43
C PHE B 309 -7.77 -26.97 -17.23
N THR B 310 -9.03 -26.86 -16.78
CA THR B 310 -9.49 -27.64 -15.64
C THR B 310 -9.50 -29.14 -15.95
N LYS B 311 -9.99 -29.52 -17.14
CA LYS B 311 -9.96 -30.92 -17.53
C LYS B 311 -8.53 -31.44 -17.60
N ALA B 312 -7.62 -30.63 -18.16
CA ALA B 312 -6.23 -31.04 -18.25
C ALA B 312 -5.62 -31.22 -16.87
N ALA B 313 -5.97 -30.34 -15.93
CA ALA B 313 -5.48 -30.51 -14.56
C ALA B 313 -6.02 -31.80 -13.96
N GLU B 314 -7.28 -32.14 -14.28
CA GLU B 314 -7.79 -33.40 -13.77
C GLU B 314 -6.98 -34.57 -14.32
N ARG B 315 -6.55 -34.46 -15.57
CA ARG B 315 -5.77 -35.54 -16.20
C ARG B 315 -4.34 -35.61 -15.65
N TRP B 316 -3.74 -34.46 -15.31
CA TRP B 316 -2.40 -34.36 -14.70
C TRP B 316 -1.35 -35.19 -15.46
N ASP B 317 -1.11 -34.78 -16.69
CA ASP B 317 -0.17 -35.50 -17.54
C ASP B 317 0.46 -34.51 -18.52
N ARG B 318 1.76 -34.69 -18.77
CA ARG B 318 2.46 -33.80 -19.70
C ARG B 318 1.88 -33.83 -21.11
N SER B 319 1.13 -34.87 -21.47
CA SER B 319 0.51 -34.93 -22.79
C SER B 319 -0.42 -33.75 -23.03
N CYS B 320 -1.07 -33.25 -21.97
CA CYS B 320 -1.99 -32.14 -22.16
C CYS B 320 -1.29 -30.88 -22.62
N LEU B 321 0.03 -30.80 -22.46
CA LEU B 321 0.73 -29.63 -22.94
C LEU B 321 0.45 -29.39 -24.42
N ASP B 322 0.25 -30.46 -25.19
CA ASP B 322 0.02 -30.22 -26.60
C ASP B 322 -1.40 -29.75 -26.90
N GLU B 323 -2.36 -30.02 -26.01
CA GLU B 323 -3.74 -29.67 -26.25
C GLU B 323 -4.13 -28.27 -25.80
N LEU B 324 -3.38 -27.66 -24.83
CA LEU B 324 -3.77 -26.39 -24.23
C LEU B 324 -3.30 -25.19 -25.07
N PRO B 325 -4.02 -24.07 -24.99
CA PRO B 325 -3.53 -22.84 -25.64
C PRO B 325 -2.20 -22.40 -25.06
N GLU B 326 -1.41 -21.73 -25.91
CA GLU B 326 -0.02 -21.39 -25.57
C GLU B 326 0.11 -20.71 -24.22
N TYR B 327 -0.73 -19.71 -23.94
CA TYR B 327 -0.50 -18.92 -22.72
C TYR B 327 -0.75 -19.73 -21.45
N MET B 328 -1.28 -20.95 -21.57
CA MET B 328 -1.52 -21.81 -20.42
C MET B 328 -0.39 -22.81 -20.18
N LYS B 329 0.49 -23.00 -21.17
CA LYS B 329 1.44 -24.11 -21.12
C LYS B 329 2.46 -23.96 -19.98
N VAL B 330 3.00 -22.75 -19.77
CA VAL B 330 4.00 -22.62 -18.71
C VAL B 330 3.38 -22.91 -17.34
N SER B 331 2.16 -22.41 -17.11
CA SER B 331 1.46 -22.69 -15.86
C SER B 331 1.23 -24.19 -15.67
N TYR B 332 0.78 -24.87 -16.73
CA TYR B 332 0.50 -26.29 -16.61
C TYR B 332 1.78 -27.07 -16.32
N ALA B 333 2.83 -26.75 -17.07
CA ALA B 333 4.12 -27.40 -16.88
C ALA B 333 4.66 -27.16 -15.47
N SER B 334 4.48 -25.96 -14.94
CA SER B 334 4.94 -25.72 -13.58
C SER B 334 4.22 -26.65 -12.61
N LEU B 335 2.92 -26.89 -12.83
CA LEU B 335 2.19 -27.84 -11.99
C LEU B 335 2.86 -29.21 -12.00
N ILE B 336 3.04 -29.76 -13.21
CA ILE B 336 3.57 -31.11 -13.35
C ILE B 336 4.97 -31.19 -12.76
N ASP B 337 5.82 -30.22 -13.13
CA ASP B 337 7.22 -30.20 -12.72
C ASP B 337 7.39 -30.08 -11.21
N THR B 338 6.69 -29.11 -10.60
CA THR B 338 6.85 -28.84 -9.17
C THR B 338 6.44 -30.05 -8.34
N PHE B 339 5.31 -30.66 -8.66
CA PHE B 339 4.93 -31.82 -7.87
C PHE B 339 5.85 -33.03 -8.12
N GLU B 340 6.41 -33.16 -9.33
CA GLU B 340 7.45 -34.17 -9.51
C GLU B 340 8.67 -33.87 -8.62
N GLU B 341 9.03 -32.59 -8.50
CA GLU B 341 10.16 -32.25 -7.66
C GLU B 341 9.88 -32.65 -6.21
N PHE B 342 8.62 -32.49 -5.78
CA PHE B 342 8.23 -32.95 -4.44
C PHE B 342 8.45 -34.45 -4.28
N GLU B 343 8.06 -35.23 -5.32
CA GLU B 343 8.31 -36.66 -5.29
C GLU B 343 9.79 -36.95 -5.07
N ARG B 344 10.64 -36.23 -5.80
CA ARG B 344 12.08 -36.46 -5.65
C ARG B 344 12.54 -36.11 -4.23
N ASP B 345 12.02 -35.00 -3.68
CA ASP B 345 12.48 -34.59 -2.35
C ASP B 345 12.07 -35.59 -1.29
N LEU B 346 10.95 -36.27 -1.47
CA LEU B 346 10.46 -37.20 -0.48
C LEU B 346 10.90 -38.65 -0.75
N ALA B 347 11.56 -38.91 -1.87
CA ALA B 347 12.01 -40.29 -2.14
C ALA B 347 13.00 -40.81 -1.11
N PRO B 348 14.08 -40.11 -0.74
CA PRO B 348 15.05 -40.70 0.21
C PRO B 348 14.47 -41.20 1.52
N GLN B 349 13.40 -40.59 2.04
CA GLN B 349 12.76 -41.08 3.26
C GLN B 349 11.59 -42.00 2.96
N GLY B 350 11.37 -42.34 1.70
CA GLY B 350 10.31 -43.24 1.31
C GLY B 350 8.92 -42.71 1.55
N ARG B 351 8.65 -41.48 1.10
CA ARG B 351 7.35 -40.87 1.36
C ARG B 351 6.74 -40.27 0.10
N SER B 352 7.29 -40.59 -1.08
CA SER B 352 6.75 -40.03 -2.32
C SER B 352 5.28 -40.34 -2.49
N TRP B 353 4.79 -41.41 -1.87
CA TRP B 353 3.39 -41.79 -1.96
C TRP B 353 2.47 -40.67 -1.48
N SER B 354 2.95 -39.78 -0.61
CA SER B 354 2.07 -38.74 -0.09
C SER B 354 1.85 -37.60 -1.07
N VAL B 355 2.74 -37.39 -2.05
CA VAL B 355 2.54 -36.25 -2.94
C VAL B 355 1.14 -36.31 -3.58
N LYS B 356 0.64 -37.54 -3.76
CA LYS B 356 -0.69 -37.77 -4.29
C LYS B 356 -1.74 -36.88 -3.62
N TYR B 357 -1.77 -36.86 -2.29
CA TYR B 357 -2.80 -36.09 -1.59
C TYR B 357 -2.69 -34.59 -1.90
N ALA B 358 -1.48 -34.06 -1.98
CA ALA B 358 -1.36 -32.65 -2.34
C ALA B 358 -1.79 -32.42 -3.78
N ARG B 359 -1.44 -33.35 -4.68
CA ARG B 359 -1.85 -33.19 -6.06
C ARG B 359 -3.37 -33.12 -6.12
N GLU B 360 -4.05 -33.91 -5.30
CA GLU B 360 -5.51 -33.89 -5.32
CA GLU B 360 -5.51 -33.89 -5.32
C GLU B 360 -6.04 -32.53 -4.90
N GLU B 361 -5.44 -31.94 -3.87
CA GLU B 361 -5.91 -30.64 -3.44
C GLU B 361 -5.69 -29.62 -4.56
N MET B 362 -4.56 -29.72 -5.27
CA MET B 362 -4.31 -28.77 -6.34
C MET B 362 -5.37 -28.92 -7.43
N ILE B 363 -5.79 -30.17 -7.70
CA ILE B 363 -6.84 -30.35 -8.68
C ILE B 363 -8.13 -29.70 -8.17
N GLN B 364 -8.47 -29.92 -6.89
CA GLN B 364 -9.65 -29.27 -6.35
CA GLN B 364 -9.64 -29.27 -6.31
C GLN B 364 -9.55 -27.75 -6.49
N MET B 365 -8.34 -27.18 -6.37
CA MET B 365 -8.24 -25.73 -6.52
C MET B 365 -8.70 -25.29 -7.91
N CYS B 366 -8.25 -25.99 -8.95
CA CYS B 366 -8.67 -25.65 -10.30
C CYS B 366 -10.18 -25.73 -10.42
N ARG B 367 -10.77 -26.79 -9.85
CA ARG B 367 -12.23 -26.91 -9.91
C ARG B 367 -12.90 -25.70 -9.27
N VAL B 368 -12.46 -25.32 -8.06
CA VAL B 368 -13.21 -24.23 -7.44
C VAL B 368 -12.95 -22.93 -8.17
N TYR B 369 -11.72 -22.78 -8.70
CA TYR B 369 -11.46 -21.62 -9.55
C TYR B 369 -12.41 -21.63 -10.74
N TYR B 370 -12.53 -22.78 -11.41
CA TYR B 370 -13.43 -22.89 -12.55
C TYR B 370 -14.85 -22.50 -12.16
N GLN B 371 -15.33 -22.98 -11.00
CA GLN B 371 -16.69 -22.65 -10.59
C GLN B 371 -16.87 -21.15 -10.50
N GLU B 372 -15.91 -20.48 -9.86
CA GLU B 372 -16.00 -19.03 -9.72
C GLU B 372 -16.00 -18.37 -11.08
N ALA B 373 -15.16 -18.85 -11.99
CA ALA B 373 -15.17 -18.27 -13.33
C ALA B 373 -16.52 -18.51 -13.99
N LYS B 374 -17.06 -19.73 -13.86
CA LYS B 374 -18.34 -20.05 -14.49
C LYS B 374 -19.42 -19.07 -14.01
N TRP B 375 -19.52 -18.89 -12.68
CA TRP B 375 -20.52 -17.97 -12.13
C TRP B 375 -20.44 -16.61 -12.78
N CYS B 376 -19.22 -16.14 -13.03
CA CYS B 376 -19.06 -14.80 -13.61
C CYS B 376 -19.49 -14.79 -15.08
N HIS B 377 -19.11 -15.82 -15.86
CA HIS B 377 -19.48 -15.82 -17.28
C HIS B 377 -20.96 -16.10 -17.47
N GLU B 378 -21.55 -16.98 -16.65
CA GLU B 378 -22.99 -17.19 -16.79
C GLU B 378 -23.81 -16.11 -16.12
N LYS B 379 -23.17 -15.05 -15.62
CA LYS B 379 -23.87 -13.97 -14.93
C LYS B 379 -24.82 -14.52 -13.87
N TYR B 380 -24.33 -15.49 -13.10
CA TYR B 380 -25.07 -16.08 -11.97
C TYR B 380 -24.69 -15.40 -10.66
N SER B 381 -25.70 -15.18 -9.80
CA SER B 381 -25.54 -14.53 -8.50
C SER B 381 -25.85 -15.55 -7.43
N PRO B 382 -24.84 -16.22 -6.88
CA PRO B 382 -25.10 -17.21 -5.83
C PRO B 382 -25.52 -16.60 -4.50
N THR B 383 -26.15 -17.45 -3.70
CA THR B 383 -26.43 -17.23 -2.30
C THR B 383 -25.12 -17.23 -1.53
N CYS B 384 -25.09 -16.56 -0.36
CA CYS B 384 -23.85 -16.51 0.42
C CYS B 384 -23.40 -17.90 0.86
N ASP B 385 -24.33 -18.71 1.40
CA ASP B 385 -23.97 -20.08 1.76
C ASP B 385 -23.59 -20.90 0.54
N GLU B 386 -24.20 -20.60 -0.60
CA GLU B 386 -23.81 -21.27 -1.85
C GLU B 386 -22.42 -20.85 -2.28
N TYR B 387 -22.18 -19.53 -2.25
CA TYR B 387 -20.86 -18.99 -2.57
C TYR B 387 -19.79 -19.65 -1.73
N LEU B 388 -20.06 -19.83 -0.44
CA LEU B 388 -19.05 -20.42 0.44
C LEU B 388 -18.92 -21.91 0.17
N GLU B 389 -20.03 -22.66 0.22
CA GLU B 389 -19.96 -24.12 0.18
C GLU B 389 -19.45 -24.64 -1.17
N LYS B 390 -19.78 -23.97 -2.26
CA LYS B 390 -19.48 -24.57 -3.56
C LYS B 390 -18.13 -24.13 -4.13
N ALA B 391 -17.61 -22.95 -3.77
CA ALA B 391 -16.28 -22.60 -4.25
C ALA B 391 -15.35 -21.87 -3.27
N SER B 392 -15.89 -20.89 -2.53
CA SER B 392 -15.05 -19.81 -1.99
C SER B 392 -14.29 -20.20 -0.72
N ILE B 393 -14.79 -21.11 0.09
CA ILE B 393 -14.01 -21.57 1.24
C ILE B 393 -12.77 -22.31 0.76
N VAL B 394 -12.95 -23.27 -0.15
CA VAL B 394 -11.82 -24.05 -0.62
C VAL B 394 -10.89 -23.19 -1.48
N SER B 395 -11.44 -22.27 -2.27
CA SER B 395 -10.57 -21.46 -3.12
C SER B 395 -9.70 -20.49 -2.33
N PHE B 396 -9.91 -20.34 -1.02
CA PHE B 396 -8.96 -19.51 -0.28
C PHE B 396 -7.60 -20.17 -0.25
N GLY B 397 -7.55 -21.50 -0.17
CA GLY B 397 -6.32 -22.26 -0.37
C GLY B 397 -5.86 -23.16 0.77
N TYR B 398 -6.69 -23.28 1.82
CA TYR B 398 -6.28 -23.93 3.06
C TYR B 398 -6.59 -25.43 3.12
N ASN B 399 -7.48 -25.96 2.30
CA ASN B 399 -7.48 -27.41 2.12
C ASN B 399 -6.17 -27.83 1.49
N LEU B 400 -5.78 -27.12 0.44
CA LEU B 400 -4.47 -27.32 -0.16
C LEU B 400 -3.36 -26.96 0.84
N GLY B 401 -3.53 -25.84 1.55
CA GLY B 401 -2.49 -25.42 2.48
C GLY B 401 -2.21 -26.43 3.57
N THR B 402 -3.26 -26.95 4.20
CA THR B 402 -3.07 -27.92 5.27
C THR B 402 -2.44 -29.22 4.74
N VAL B 403 -2.86 -29.67 3.54
CA VAL B 403 -2.25 -30.91 3.02
C VAL B 403 -0.77 -30.66 2.68
N VAL B 404 -0.45 -29.48 2.15
CA VAL B 404 0.94 -29.21 1.82
C VAL B 404 1.76 -29.03 3.08
N CYS B 405 1.17 -28.48 4.16
CA CYS B 405 1.87 -28.41 5.44
C CYS B 405 2.25 -29.79 5.94
N PHE B 406 1.30 -30.74 5.93
CA PHE B 406 1.59 -32.11 6.34
C PHE B 406 2.64 -32.77 5.44
N LEU B 407 2.69 -32.37 4.16
CA LEU B 407 3.62 -33.00 3.20
C LEU B 407 5.06 -33.06 3.72
N GLY B 408 5.50 -32.03 4.44
CA GLY B 408 6.89 -31.95 4.84
C GLY B 408 7.20 -32.39 6.24
N MET B 409 6.25 -33.01 6.94
CA MET B 409 6.40 -33.22 8.38
C MET B 409 6.93 -34.60 8.76
N GLY B 410 7.14 -35.49 7.80
CA GLY B 410 7.72 -36.77 8.14
C GLY B 410 6.70 -37.72 8.76
N ASP B 411 7.25 -38.68 9.51
CA ASP B 411 6.49 -39.83 9.98
C ASP B 411 5.25 -39.47 10.81
N VAL B 412 5.18 -38.25 11.33
CA VAL B 412 4.00 -37.88 12.16
C VAL B 412 2.78 -37.78 11.26
N ALA B 413 2.95 -37.24 10.07
CA ALA B 413 1.89 -37.14 9.09
C ALA B 413 1.69 -38.51 8.44
N THR B 414 0.83 -39.33 9.03
CA THR B 414 0.54 -40.67 8.55
C THR B 414 -0.41 -40.61 7.35
N LYS B 415 -0.53 -41.74 6.64
CA LYS B 415 -1.52 -41.78 5.56
C LYS B 415 -2.92 -41.51 6.10
N GLU B 416 -3.19 -41.94 7.34
CA GLU B 416 -4.48 -41.65 7.95
C GLU B 416 -4.70 -40.15 8.09
N ALA B 417 -3.64 -39.39 8.42
CA ALA B 417 -3.80 -37.94 8.59
C ALA B 417 -4.07 -37.26 7.25
N PHE B 418 -3.40 -37.71 6.20
CA PHE B 418 -3.70 -37.18 4.87
C PHE B 418 -5.14 -37.48 4.47
N GLU B 419 -5.63 -38.68 4.77
CA GLU B 419 -7.03 -38.98 4.44
C GLU B 419 -8.00 -38.19 5.32
N TRP B 420 -7.64 -37.90 6.56
CA TRP B 420 -8.49 -37.04 7.40
C TRP B 420 -8.61 -35.66 6.78
N ALA B 421 -7.48 -35.10 6.33
CA ALA B 421 -7.50 -33.77 5.74
C ALA B 421 -8.16 -33.73 4.36
N ARG B 422 -8.07 -34.82 3.59
CA ARG B 422 -8.71 -34.82 2.29
C ARG B 422 -10.23 -34.75 2.40
N GLY B 423 -10.80 -35.29 3.49
CA GLY B 423 -12.24 -35.33 3.73
C GLY B 423 -12.85 -34.07 4.32
N ASN B 424 -12.14 -32.95 4.28
CA ASN B 424 -12.68 -31.64 4.64
C ASN B 424 -13.18 -31.57 6.08
N PRO B 425 -12.33 -31.86 7.07
CA PRO B 425 -12.79 -31.80 8.47
C PRO B 425 -13.20 -30.39 8.86
N LYS B 426 -14.00 -30.30 9.93
CA LYS B 426 -14.53 -29.03 10.38
C LYS B 426 -13.44 -27.98 10.66
N VAL B 427 -12.29 -28.40 11.20
CA VAL B 427 -11.28 -27.39 11.55
C VAL B 427 -10.58 -26.83 10.32
N VAL B 428 -10.40 -27.64 9.27
CA VAL B 428 -9.83 -27.08 8.05
C VAL B 428 -10.83 -26.11 7.43
N ARG B 429 -12.11 -26.46 7.53
CA ARG B 429 -13.18 -25.59 7.06
C ARG B 429 -13.19 -24.28 7.81
N ALA B 430 -12.95 -24.33 9.13
CA ALA B 430 -12.87 -23.11 9.96
C ALA B 430 -11.74 -22.22 9.49
N ALA B 431 -10.55 -22.80 9.27
CA ALA B 431 -9.45 -21.99 8.77
C ALA B 431 -9.81 -21.33 7.45
N GLY B 432 -10.46 -22.09 6.54
CA GLY B 432 -10.86 -21.49 5.27
C GLY B 432 -11.92 -20.40 5.42
N ILE B 433 -12.88 -20.59 6.32
CA ILE B 433 -13.89 -19.58 6.57
C ILE B 433 -13.24 -18.31 7.09
N ILE B 434 -12.32 -18.43 8.05
CA ILE B 434 -11.58 -17.26 8.53
C ILE B 434 -10.87 -16.58 7.36
N GLY B 435 -10.13 -17.35 6.56
CA GLY B 435 -9.37 -16.74 5.48
C GLY B 435 -10.27 -16.04 4.49
N ARG B 436 -11.28 -16.76 3.97
CA ARG B 436 -12.16 -16.23 2.94
C ARG B 436 -12.97 -15.05 3.45
N LEU B 437 -13.54 -15.15 4.64
CA LEU B 437 -14.38 -14.06 5.10
C LEU B 437 -13.55 -12.80 5.38
N MET B 438 -12.36 -12.93 5.98
CA MET B 438 -11.56 -11.72 6.18
C MET B 438 -11.10 -11.12 4.86
N ASP B 439 -10.70 -11.96 3.90
CA ASP B 439 -10.30 -11.45 2.60
C ASP B 439 -11.45 -10.69 1.93
N ASP B 440 -12.64 -11.28 1.92
CA ASP B 440 -13.74 -10.66 1.21
C ASP B 440 -14.23 -9.41 1.94
N ILE B 441 -14.33 -9.46 3.26
CA ILE B 441 -14.74 -8.26 3.99
C ILE B 441 -13.77 -7.13 3.73
N GLY B 442 -12.46 -7.42 3.72
CA GLY B 442 -11.52 -6.33 3.59
C GLY B 442 -11.18 -5.90 2.19
N SER B 443 -11.59 -6.66 1.17
CA SER B 443 -11.12 -6.39 -0.20
C SER B 443 -11.71 -5.11 -0.78
N HIS B 444 -12.98 -4.81 -0.47
CA HIS B 444 -13.66 -3.68 -1.10
C HIS B 444 -14.98 -3.45 -0.39
N HIS B 445 -15.54 -2.28 -0.60
CA HIS B 445 -16.87 -1.99 -0.08
C HIS B 445 -17.94 -2.33 -1.14
N PHE B 446 -19.21 -2.32 -0.69
CA PHE B 446 -20.31 -2.74 -1.56
C PHE B 446 -20.37 -1.95 -2.87
N GLU B 447 -20.20 -0.63 -2.81
CA GLU B 447 -20.31 0.17 -4.03
C GLU B 447 -19.14 -0.03 -4.98
N GLN B 448 -18.10 -0.75 -4.55
CA GLN B 448 -16.92 -1.01 -5.34
C GLN B 448 -16.82 -2.48 -5.72
N GLY B 449 -17.97 -3.15 -5.78
CA GLY B 449 -17.98 -4.52 -6.24
C GLY B 449 -17.81 -4.59 -7.75
N ARG B 450 -17.47 -5.79 -8.21
CA ARG B 450 -17.38 -6.07 -9.64
C ARG B 450 -18.64 -6.80 -10.07
N ASP B 451 -19.29 -6.30 -11.12
CA ASP B 451 -20.54 -6.89 -11.57
C ASP B 451 -20.33 -8.36 -11.95
N HIS B 452 -21.14 -9.23 -11.37
CA HIS B 452 -21.20 -10.66 -11.64
C HIS B 452 -20.06 -11.45 -11.01
N VAL B 453 -19.20 -10.80 -10.23
CA VAL B 453 -18.13 -11.47 -9.49
C VAL B 453 -18.62 -11.64 -8.05
N PRO B 454 -18.94 -12.86 -7.63
CA PRO B 454 -19.48 -13.03 -6.27
C PRO B 454 -18.43 -12.70 -5.22
N SER B 455 -18.91 -12.16 -4.09
CA SER B 455 -18.08 -11.92 -2.92
C SER B 455 -18.98 -11.95 -1.70
N ALA B 456 -18.40 -12.34 -0.54
CA ALA B 456 -19.21 -12.70 0.62
C ALA B 456 -20.13 -11.57 1.06
N VAL B 457 -19.63 -10.34 1.16
CA VAL B 457 -20.46 -9.27 1.69
C VAL B 457 -21.61 -8.98 0.74
N GLU B 458 -21.32 -8.85 -0.56
CA GLU B 458 -22.36 -8.61 -1.55
C GLU B 458 -23.37 -9.76 -1.60
N CYS B 459 -22.90 -11.00 -1.52
CA CYS B 459 -23.84 -12.13 -1.56
C CYS B 459 -24.73 -12.13 -0.32
N TYR B 460 -24.17 -11.78 0.85
CA TYR B 460 -24.97 -11.75 2.07
C TYR B 460 -25.99 -10.62 2.02
N ILE B 461 -25.59 -9.47 1.45
CA ILE B 461 -26.50 -8.34 1.32
C ILE B 461 -27.66 -8.69 0.42
N ARG B 462 -27.37 -9.31 -0.73
CA ARG B 462 -28.45 -9.61 -1.67
C ARG B 462 -29.27 -10.81 -1.23
N GLN B 463 -28.70 -11.72 -0.45
CA GLN B 463 -29.46 -12.87 -0.01
C GLN B 463 -30.40 -12.52 1.14
N HIS B 464 -29.95 -11.71 2.09
CA HIS B 464 -30.74 -11.47 3.30
C HIS B 464 -31.41 -10.12 3.32
N GLY B 465 -31.18 -9.27 2.34
CA GLY B 465 -31.81 -7.96 2.33
C GLY B 465 -31.36 -7.07 3.48
N VAL B 466 -30.08 -7.05 3.79
CA VAL B 466 -29.53 -6.20 4.84
C VAL B 466 -28.52 -5.23 4.23
N ASP B 467 -28.12 -4.24 5.01
CA ASP B 467 -27.16 -3.25 4.53
C ASP B 467 -25.73 -3.74 4.77
N GLU B 468 -24.75 -2.96 4.30
CA GLU B 468 -23.35 -3.38 4.39
C GLU B 468 -22.91 -3.60 5.83
N VAL B 469 -23.25 -2.67 6.73
CA VAL B 469 -22.80 -2.78 8.12
C VAL B 469 -23.30 -4.08 8.74
N THR B 470 -24.56 -4.40 8.51
CA THR B 470 -25.11 -5.62 9.10
C THR B 470 -24.47 -6.87 8.52
N ALA B 471 -24.30 -6.93 7.20
CA ALA B 471 -23.62 -8.09 6.60
C ALA B 471 -22.21 -8.24 7.17
N GLN B 472 -21.50 -7.13 7.30
CA GLN B 472 -20.16 -7.22 7.86
C GLN B 472 -20.20 -7.76 9.29
N ARG B 473 -21.17 -7.30 10.09
CA ARG B 473 -21.27 -7.79 11.46
C ARG B 473 -21.63 -9.29 11.50
N GLU B 474 -22.58 -9.74 10.68
CA GLU B 474 -22.98 -11.14 10.75
C GLU B 474 -21.84 -12.03 10.26
N LEU B 475 -21.12 -11.57 9.25
CA LEU B 475 -19.97 -12.33 8.76
C LEU B 475 -18.83 -12.32 9.78
N GLY B 476 -18.64 -11.20 10.50
CA GLY B 476 -17.65 -11.19 11.57
C GLY B 476 -18.00 -12.17 12.67
N LYS B 477 -19.29 -12.35 12.93
CA LYS B 477 -19.68 -13.38 13.88
C LYS B 477 -19.35 -14.78 13.37
N ARG B 478 -19.48 -14.99 12.06
CA ARG B 478 -19.06 -16.28 11.53
C ARG B 478 -17.55 -16.48 11.70
N VAL B 479 -16.76 -15.42 11.49
CA VAL B 479 -15.31 -15.53 11.71
C VAL B 479 -15.02 -15.87 13.17
N GLU B 480 -15.73 -15.21 14.10
CA GLU B 480 -15.47 -15.41 15.54
C GLU B 480 -15.81 -16.83 15.97
N SER B 481 -16.94 -17.35 15.51
CA SER B 481 -17.31 -18.73 15.79
C SER B 481 -16.28 -19.71 15.20
N SER B 482 -15.77 -19.43 13.99
CA SER B 482 -14.71 -20.29 13.47
C SER B 482 -13.47 -20.22 14.36
N TRP B 483 -13.15 -19.05 14.89
CA TRP B 483 -12.01 -18.96 15.81
C TRP B 483 -12.26 -19.80 17.07
N LYS B 484 -13.50 -19.82 17.56
CA LYS B 484 -13.81 -20.68 18.69
C LYS B 484 -13.68 -22.17 18.32
N ASP B 485 -14.03 -22.54 17.09
CA ASP B 485 -13.78 -23.91 16.67
C ASP B 485 -12.28 -24.20 16.66
N ILE B 486 -11.49 -23.24 16.22
CA ILE B 486 -10.04 -23.43 16.19
C ILE B 486 -9.48 -23.58 17.60
N ASN B 487 -10.01 -22.82 18.55
CA ASN B 487 -9.50 -22.95 19.91
C ASN B 487 -9.92 -24.27 20.51
N GLU B 488 -11.14 -24.74 20.17
CA GLU B 488 -11.58 -26.05 20.62
C GLU B 488 -10.70 -27.16 20.06
N MET B 489 -10.17 -26.95 18.86
CA MET B 489 -9.30 -27.95 18.25
C MET B 489 -8.04 -28.16 19.09
N MET B 490 -7.58 -27.11 19.80
CA MET B 490 -6.39 -27.23 20.62
C MET B 490 -6.71 -27.66 22.04
N LEU B 491 -7.86 -28.28 22.24
CA LEU B 491 -8.23 -28.81 23.57
C LEU B 491 -8.11 -30.33 23.55
N LYS B 492 -7.56 -30.92 24.62
CA LYS B 492 -7.40 -32.39 24.67
C LYS B 492 -8.77 -33.03 24.91
N PRO B 493 -9.06 -34.25 24.41
CA PRO B 493 -8.11 -35.04 23.64
C PRO B 493 -8.04 -34.57 22.18
N TYR B 494 -6.84 -34.54 21.62
CA TYR B 494 -6.64 -34.02 20.26
C TYR B 494 -7.13 -34.99 19.21
N MET B 495 -7.75 -34.49 18.15
CA MET B 495 -8.21 -35.37 17.07
C MET B 495 -7.03 -36.01 16.35
N MET B 496 -6.06 -35.20 15.95
CA MET B 496 -4.81 -35.61 15.36
C MET B 496 -3.68 -35.27 16.33
N PRO B 497 -2.47 -35.80 16.10
CA PRO B 497 -1.33 -35.36 16.91
C PRO B 497 -1.16 -33.84 16.88
N LYS B 498 -0.72 -33.30 18.01
CA LYS B 498 -0.61 -31.85 18.16
C LYS B 498 0.22 -31.17 17.07
N PRO B 499 1.39 -31.68 16.67
CA PRO B 499 2.14 -30.98 15.61
C PRO B 499 1.34 -30.70 14.36
N LEU B 500 0.31 -31.52 14.07
CA LEU B 500 -0.50 -31.32 12.88
C LEU B 500 -1.60 -30.29 13.10
N LEU B 501 -2.25 -30.32 14.26
CA LEU B 501 -3.25 -29.29 14.57
C LEU B 501 -2.61 -27.91 14.62
N THR B 502 -1.37 -27.84 15.12
CA THR B 502 -0.71 -26.54 15.28
C THR B 502 -0.49 -25.85 13.94
N ARG B 503 -0.29 -26.64 12.86
CA ARG B 503 -0.17 -26.05 11.52
C ARG B 503 -1.45 -25.32 11.15
N ILE B 504 -2.60 -25.91 11.47
CA ILE B 504 -3.90 -25.30 11.17
C ILE B 504 -4.12 -24.03 12.01
N LEU B 505 -3.81 -24.12 13.31
CA LEU B 505 -3.87 -22.91 14.17
C LEU B 505 -3.00 -21.79 13.60
N ASN B 506 -1.78 -22.14 13.15
CA ASN B 506 -0.88 -21.13 12.60
C ASN B 506 -1.35 -20.58 11.27
N GLU B 507 -2.04 -21.38 10.45
CA GLU B 507 -2.64 -20.85 9.24
C GLU B 507 -3.68 -19.77 9.57
N CYS B 508 -4.50 -20.03 10.59
CA CYS B 508 -5.45 -19.00 11.01
C CYS B 508 -4.73 -17.75 11.50
N ARG B 509 -3.66 -17.93 12.29
CA ARG B 509 -2.93 -16.77 12.81
C ARG B 509 -2.30 -15.94 11.70
N ILE B 510 -1.67 -16.60 10.70
CA ILE B 510 -1.02 -15.81 9.66
C ILE B 510 -2.09 -15.05 8.88
N VAL B 511 -3.29 -15.62 8.73
CA VAL B 511 -4.37 -14.86 8.10
C VAL B 511 -4.76 -13.64 8.94
N ASP B 512 -4.86 -13.81 10.26
CA ASP B 512 -5.22 -12.64 11.08
C ASP B 512 -4.18 -11.53 10.93
N VAL B 513 -2.94 -11.91 10.67
CA VAL B 513 -1.90 -10.90 10.52
C VAL B 513 -1.96 -10.24 9.14
N ILE B 514 -2.17 -11.02 8.10
CA ILE B 514 -2.05 -10.48 6.74
C ILE B 514 -3.28 -9.69 6.33
N TYR B 515 -4.48 -10.11 6.77
CA TYR B 515 -5.71 -9.46 6.35
C TYR B 515 -6.22 -8.52 7.42
N LYS B 516 -5.29 -7.87 8.12
CA LYS B 516 -5.60 -6.89 9.15
C LYS B 516 -6.07 -5.61 8.48
N GLY B 517 -7.35 -5.58 8.16
CA GLY B 517 -7.97 -4.40 7.58
C GLY B 517 -8.75 -3.69 8.69
N GLU B 518 -8.61 -2.36 8.73
CA GLU B 518 -9.27 -1.54 9.75
C GLU B 518 -9.03 -0.06 9.50
N TYR B 521 -4.60 -3.04 2.96
CA TYR B 521 -5.37 -3.96 3.80
C TYR B 521 -5.27 -5.37 3.22
N THR B 522 -4.31 -5.54 2.30
CA THR B 522 -4.06 -6.79 1.61
C THR B 522 -2.56 -7.04 1.41
N PHE B 523 -2.23 -7.86 0.42
CA PHE B 523 -0.86 -8.18 0.05
C PHE B 523 -0.04 -6.92 -0.25
N SER B 524 1.28 -7.10 -0.19
CA SER B 524 2.30 -6.16 -0.68
C SER B 524 1.95 -4.69 -0.47
N ASN B 525 1.78 -4.32 0.80
CA ASN B 525 1.63 -2.91 1.15
C ASN B 525 2.65 -2.51 2.20
N THR B 526 2.55 -1.31 2.76
CA THR B 526 3.60 -0.89 3.67
C THR B 526 3.62 -1.72 4.95
N THR B 527 2.46 -2.21 5.40
CA THR B 527 2.44 -3.07 6.59
C THR B 527 3.12 -4.40 6.33
N MET B 528 2.87 -5.01 5.17
CA MET B 528 3.56 -6.24 4.84
C MET B 528 5.07 -6.01 4.71
N LYS B 529 5.47 -4.92 4.06
CA LYS B 529 6.89 -4.59 3.98
C LYS B 529 7.51 -4.43 5.38
N LYS B 530 6.82 -3.75 6.30
CA LYS B 530 7.37 -3.55 7.64
C LYS B 530 7.42 -4.87 8.41
N ASN B 531 6.41 -5.72 8.24
CA ASN B 531 6.43 -7.02 8.90
C ASN B 531 7.59 -7.87 8.39
N ILE B 532 7.88 -7.83 7.07
CA ILE B 532 9.07 -8.54 6.59
C ILE B 532 10.33 -7.90 7.16
N SER B 533 10.39 -6.57 7.21
CA SER B 533 11.57 -5.89 7.76
C SER B 533 11.86 -6.31 9.19
N HIS B 534 10.80 -6.57 9.95
CA HIS B 534 10.92 -6.86 11.37
C HIS B 534 11.60 -8.19 11.63
N ILE B 535 11.43 -9.18 10.77
CA ILE B 535 11.94 -10.51 11.07
C ILE B 535 12.93 -11.03 10.05
N LEU B 536 13.19 -10.32 8.96
CA LEU B 536 13.99 -10.90 7.89
C LEU B 536 15.07 -9.97 7.34
N THR B 537 15.28 -8.80 7.95
CA THR B 537 16.42 -8.01 7.50
C THR B 537 17.64 -8.09 8.41
N ASP B 538 17.58 -7.41 9.56
CA ASP B 538 18.77 -7.32 10.39
C ASP B 538 18.68 -8.25 11.58
N PRO B 539 19.82 -8.69 12.11
CA PRO B 539 19.83 -9.40 13.39
C PRO B 539 19.41 -8.46 14.51
N ILE B 540 19.09 -9.05 15.65
CA ILE B 540 18.83 -8.26 16.85
C ILE B 540 20.16 -7.83 17.46
N PRO B 541 20.35 -6.54 17.74
CA PRO B 541 21.63 -6.06 18.29
C PRO B 541 22.02 -6.70 19.62
N ILE B 542 23.33 -6.96 19.75
CA ILE B 542 24.05 -7.56 20.90
C ILE B 542 23.43 -8.91 21.29
#